data_4HWN
# 
_entry.id   4HWN 
# 
_audit_conform.dict_name       mmcif_pdbx.dic 
_audit_conform.dict_version    5.399 
_audit_conform.dict_location   http://mmcif.pdb.org/dictionaries/ascii/mmcif_pdbx.dic 
# 
loop_
_database_2.database_id 
_database_2.database_code 
_database_2.pdbx_database_accession 
_database_2.pdbx_DOI 
PDB   4HWN         pdb_00004hwn 10.2210/pdb4hwn/pdb 
RCSB  RCSB076012   ?            ?                   
WWPDB D_1000076012 ?            ?                   
# 
loop_
_pdbx_audit_revision_history.ordinal 
_pdbx_audit_revision_history.data_content_type 
_pdbx_audit_revision_history.major_revision 
_pdbx_audit_revision_history.minor_revision 
_pdbx_audit_revision_history.revision_date 
1 'Structure model' 1 0 2012-11-21 
2 'Structure model' 1 1 2023-09-20 
3 'Structure model' 1 2 2024-11-27 
# 
_pdbx_audit_revision_details.ordinal             1 
_pdbx_audit_revision_details.revision_ordinal    1 
_pdbx_audit_revision_details.data_content_type   'Structure model' 
_pdbx_audit_revision_details.provider            repository 
_pdbx_audit_revision_details.type                'Initial release' 
_pdbx_audit_revision_details.description         ? 
_pdbx_audit_revision_details.details             ? 
# 
loop_
_pdbx_audit_revision_group.ordinal 
_pdbx_audit_revision_group.revision_ordinal 
_pdbx_audit_revision_group.data_content_type 
_pdbx_audit_revision_group.group 
1 2 'Structure model' 'Data collection'        
2 2 'Structure model' 'Database references'    
3 2 'Structure model' 'Refinement description' 
4 3 'Structure model' 'Structure summary'      
# 
loop_
_pdbx_audit_revision_category.ordinal 
_pdbx_audit_revision_category.revision_ordinal 
_pdbx_audit_revision_category.data_content_type 
_pdbx_audit_revision_category.category 
1 2 'Structure model' chem_comp_atom                
2 2 'Structure model' chem_comp_bond                
3 2 'Structure model' database_2                    
4 2 'Structure model' pdbx_initial_refinement_model 
5 2 'Structure model' struct_ref_seq_dif            
6 3 'Structure model' pdbx_entry_details            
7 3 'Structure model' pdbx_modification_feature     
# 
loop_
_pdbx_audit_revision_item.ordinal 
_pdbx_audit_revision_item.revision_ordinal 
_pdbx_audit_revision_item.data_content_type 
_pdbx_audit_revision_item.item 
1 2 'Structure model' '_database_2.pdbx_DOI'                
2 2 'Structure model' '_database_2.pdbx_database_accession' 
3 2 'Structure model' '_struct_ref_seq_dif.details'         
# 
_pdbx_database_status.entry_id                        4HWN 
_pdbx_database_status.status_code                     REL 
_pdbx_database_status.deposit_site                    RCSB 
_pdbx_database_status.process_site                    RCSB 
_pdbx_database_status.recvd_initial_deposition_date   2012-11-08 
_pdbx_database_status.status_code_sf                  REL 
_pdbx_database_status.status_code_mr                  ? 
_pdbx_database_status.SG_entry                        Y 
_pdbx_database_status.status_code_cs                  ? 
_pdbx_database_status.methods_development_category    ? 
_pdbx_database_status.pdb_format_compatible           Y 
_pdbx_database_status.status_code_nmr_data            ? 
# 
_pdbx_database_related.db_name        TargetTrack 
_pdbx_database_related.db_id          NYSGRC-005836 
_pdbx_database_related.details        . 
_pdbx_database_related.content_type   unspecified 
# 
loop_
_audit_author.name 
_audit_author.pdbx_ordinal 
'Kumar, P.R.'                                               1  
'Ahmed, M.'                                                 2  
'Bhosle, R.'                                                3  
'Calarese, D.'                                              4  
'Celikigil, A.'                                             5  
'Chan, M.K.'                                                6  
'Fiser, A.'                                                 7  
'Garforth, S.'                                              8  
'Glenn, A.S.'                                               9  
'Hillerich, B.'                                             10 
'Khafizov, K.'                                              11 
'Love, J.'                                                  12 
'Patel, H.'                                                 13 
'Rubinstein, R.'                                            14 
'Seidel, R.'                                                15 
'Stead, M.'                                                 16 
'Toro, R.'                                                  17 
'Nathenson, S.G.'                                           18 
'Almo, S.C.'                                                19 
'New York Structural Genomics Research Consortium (NYSGRC)' 20 
'Atoms-to-Animals: The Immune Function Network (IFN)'       21 
# 
_citation.id                        primary 
_citation.title                     
'Crystal structure of the second Ig-C2 domain of the human Fc-receptor like A, Isoform 9 [NYSGRC-005836]' 
_citation.journal_abbrev            'to be published' 
_citation.journal_volume            ? 
_citation.page_first                ? 
_citation.page_last                 ? 
_citation.year                      ? 
_citation.journal_id_ASTM           ? 
_citation.country                   ? 
_citation.journal_id_ISSN           ? 
_citation.journal_id_CSD            0353 
_citation.book_publisher            ? 
_citation.pdbx_database_id_PubMed   ? 
_citation.pdbx_database_id_DOI      ? 
# 
loop_
_citation_author.citation_id 
_citation_author.name 
_citation_author.ordinal 
_citation_author.identifier_ORCID 
primary 'Kumar, P.R.'     1 ? 
primary 'Nathenson, S.G.' 2 ? 
primary 'Almo, S.C.'      3 ? 
# 
loop_
_entity.id 
_entity.type 
_entity.src_method 
_entity.pdbx_description 
_entity.formula_weight 
_entity.pdbx_number_of_molecules 
_entity.pdbx_ec 
_entity.pdbx_mutation 
_entity.pdbx_fragment 
_entity.details 
1 polymer man 'Fc receptor-like A' 11949.231 1  ? ? 'UNP residues 169-264' ? 
2 water   nat water                18.015    58 ? ? ?                      ? 
# 
_entity_name_com.entity_id   1 
_entity_name_com.name        
;Fc receptor homolog expressed in B-cells, Fc receptor-like and mucin-like protein 1, Fc receptor-like protein, Fc receptor-related protein X, FcRX
;
# 
_entity_poly.entity_id                      1 
_entity_poly.type                           'polypeptide(L)' 
_entity_poly.nstd_linkage                   no 
_entity_poly.nstd_monomer                   no 
_entity_poly.pdbx_seq_one_letter_code       
;QDYGGFPAPILRAVPSAEPQAGSPMTLSCQTKLPLQRSAARLLFSFYKDGRIVQSRGLSSEFQIPTASEDHSGSYWCEAA
TEDNQVWKQSPQLEIRVQGASAENLYFQ
;
_entity_poly.pdbx_seq_one_letter_code_can   
;QDYGGFPAPILRAVPSAEPQAGSPMTLSCQTKLPLQRSAARLLFSFYKDGRIVQSRGLSSEFQIPTASEDHSGSYWCEAA
TEDNQVWKQSPQLEIRVQGASAENLYFQ
;
_entity_poly.pdbx_strand_id                 A 
_entity_poly.pdbx_target_identifier         NYSGRC-005836 
# 
_pdbx_entity_nonpoly.entity_id   2 
_pdbx_entity_nonpoly.name        water 
_pdbx_entity_nonpoly.comp_id     HOH 
# 
loop_
_entity_poly_seq.entity_id 
_entity_poly_seq.num 
_entity_poly_seq.mon_id 
_entity_poly_seq.hetero 
1 1   GLN n 
1 2   ASP n 
1 3   TYR n 
1 4   GLY n 
1 5   GLY n 
1 6   PHE n 
1 7   PRO n 
1 8   ALA n 
1 9   PRO n 
1 10  ILE n 
1 11  LEU n 
1 12  ARG n 
1 13  ALA n 
1 14  VAL n 
1 15  PRO n 
1 16  SER n 
1 17  ALA n 
1 18  GLU n 
1 19  PRO n 
1 20  GLN n 
1 21  ALA n 
1 22  GLY n 
1 23  SER n 
1 24  PRO n 
1 25  MET n 
1 26  THR n 
1 27  LEU n 
1 28  SER n 
1 29  CYS n 
1 30  GLN n 
1 31  THR n 
1 32  LYS n 
1 33  LEU n 
1 34  PRO n 
1 35  LEU n 
1 36  GLN n 
1 37  ARG n 
1 38  SER n 
1 39  ALA n 
1 40  ALA n 
1 41  ARG n 
1 42  LEU n 
1 43  LEU n 
1 44  PHE n 
1 45  SER n 
1 46  PHE n 
1 47  TYR n 
1 48  LYS n 
1 49  ASP n 
1 50  GLY n 
1 51  ARG n 
1 52  ILE n 
1 53  VAL n 
1 54  GLN n 
1 55  SER n 
1 56  ARG n 
1 57  GLY n 
1 58  LEU n 
1 59  SER n 
1 60  SER n 
1 61  GLU n 
1 62  PHE n 
1 63  GLN n 
1 64  ILE n 
1 65  PRO n 
1 66  THR n 
1 67  ALA n 
1 68  SER n 
1 69  GLU n 
1 70  ASP n 
1 71  HIS n 
1 72  SER n 
1 73  GLY n 
1 74  SER n 
1 75  TYR n 
1 76  TRP n 
1 77  CYS n 
1 78  GLU n 
1 79  ALA n 
1 80  ALA n 
1 81  THR n 
1 82  GLU n 
1 83  ASP n 
1 84  ASN n 
1 85  GLN n 
1 86  VAL n 
1 87  TRP n 
1 88  LYS n 
1 89  GLN n 
1 90  SER n 
1 91  PRO n 
1 92  GLN n 
1 93  LEU n 
1 94  GLU n 
1 95  ILE n 
1 96  ARG n 
1 97  VAL n 
1 98  GLN n 
1 99  GLY n 
1 100 ALA n 
1 101 SER n 
1 102 ALA n 
1 103 GLU n 
1 104 ASN n 
1 105 LEU n 
1 106 TYR n 
1 107 PHE n 
1 108 GLN n 
# 
_entity_src_gen.entity_id                          1 
_entity_src_gen.pdbx_src_id                        1 
_entity_src_gen.pdbx_alt_source_flag               sample 
_entity_src_gen.pdbx_seq_type                      ? 
_entity_src_gen.pdbx_beg_seq_num                   ? 
_entity_src_gen.pdbx_end_seq_num                   ? 
_entity_src_gen.gene_src_common_name               human 
_entity_src_gen.gene_src_genus                     ? 
_entity_src_gen.pdbx_gene_src_gene                 'FCRL, FCRL1, FCRLA, FCRLM1, FCRX, FREB, UNQ291/PRO329' 
_entity_src_gen.gene_src_species                   ? 
_entity_src_gen.gene_src_strain                    ? 
_entity_src_gen.gene_src_tissue                    ? 
_entity_src_gen.gene_src_tissue_fraction           ? 
_entity_src_gen.gene_src_details                   ? 
_entity_src_gen.pdbx_gene_src_fragment             ? 
_entity_src_gen.pdbx_gene_src_scientific_name      'Homo sapiens' 
_entity_src_gen.pdbx_gene_src_ncbi_taxonomy_id     9606 
_entity_src_gen.pdbx_gene_src_variant              ? 
_entity_src_gen.pdbx_gene_src_cell_line            ? 
_entity_src_gen.pdbx_gene_src_atcc                 ? 
_entity_src_gen.pdbx_gene_src_organ                ? 
_entity_src_gen.pdbx_gene_src_organelle            ? 
_entity_src_gen.pdbx_gene_src_cell                 ? 
_entity_src_gen.pdbx_gene_src_cellular_location    ? 
_entity_src_gen.host_org_common_name               ? 
_entity_src_gen.pdbx_host_org_scientific_name      'Trichoplusia ni' 
_entity_src_gen.pdbx_host_org_ncbi_taxonomy_id     7111 
_entity_src_gen.host_org_genus                     ? 
_entity_src_gen.pdbx_host_org_gene                 ? 
_entity_src_gen.pdbx_host_org_organ                ? 
_entity_src_gen.host_org_species                   ? 
_entity_src_gen.pdbx_host_org_tissue               ? 
_entity_src_gen.pdbx_host_org_tissue_fraction      ? 
_entity_src_gen.pdbx_host_org_strain               Hi5 
_entity_src_gen.pdbx_host_org_variant              ? 
_entity_src_gen.pdbx_host_org_cell_line            ? 
_entity_src_gen.pdbx_host_org_atcc                 ? 
_entity_src_gen.pdbx_host_org_culture_collection   ? 
_entity_src_gen.pdbx_host_org_cell                 ? 
_entity_src_gen.pdbx_host_org_organelle            ? 
_entity_src_gen.pdbx_host_org_cellular_location    ? 
_entity_src_gen.pdbx_host_org_vector_type          Plasmid 
_entity_src_gen.pdbx_host_org_vector               ? 
_entity_src_gen.host_org_details                   ? 
_entity_src_gen.expression_system_id               ? 
_entity_src_gen.plasmid_name                       pIEX 
_entity_src_gen.plasmid_details                    ? 
_entity_src_gen.pdbx_description                   ? 
# 
loop_
_chem_comp.id 
_chem_comp.type 
_chem_comp.mon_nstd_flag 
_chem_comp.name 
_chem_comp.pdbx_synonyms 
_chem_comp.formula 
_chem_comp.formula_weight 
ALA 'L-peptide linking' y ALANINE         ? 'C3 H7 N O2'     89.093  
ARG 'L-peptide linking' y ARGININE        ? 'C6 H15 N4 O2 1' 175.209 
ASN 'L-peptide linking' y ASPARAGINE      ? 'C4 H8 N2 O3'    132.118 
ASP 'L-peptide linking' y 'ASPARTIC ACID' ? 'C4 H7 N O4'     133.103 
CYS 'L-peptide linking' y CYSTEINE        ? 'C3 H7 N O2 S'   121.158 
GLN 'L-peptide linking' y GLUTAMINE       ? 'C5 H10 N2 O3'   146.144 
GLU 'L-peptide linking' y 'GLUTAMIC ACID' ? 'C5 H9 N O4'     147.129 
GLY 'peptide linking'   y GLYCINE         ? 'C2 H5 N O2'     75.067  
HIS 'L-peptide linking' y HISTIDINE       ? 'C6 H10 N3 O2 1' 156.162 
HOH non-polymer         . WATER           ? 'H2 O'           18.015  
ILE 'L-peptide linking' y ISOLEUCINE      ? 'C6 H13 N O2'    131.173 
LEU 'L-peptide linking' y LEUCINE         ? 'C6 H13 N O2'    131.173 
LYS 'L-peptide linking' y LYSINE          ? 'C6 H15 N2 O2 1' 147.195 
MET 'L-peptide linking' y METHIONINE      ? 'C5 H11 N O2 S'  149.211 
PHE 'L-peptide linking' y PHENYLALANINE   ? 'C9 H11 N O2'    165.189 
PRO 'L-peptide linking' y PROLINE         ? 'C5 H9 N O2'     115.130 
SER 'L-peptide linking' y SERINE          ? 'C3 H7 N O3'     105.093 
THR 'L-peptide linking' y THREONINE       ? 'C4 H9 N O3'     119.119 
TRP 'L-peptide linking' y TRYPTOPHAN      ? 'C11 H12 N2 O2'  204.225 
TYR 'L-peptide linking' y TYROSINE        ? 'C9 H11 N O3'    181.189 
VAL 'L-peptide linking' y VALINE          ? 'C5 H11 N O2'    117.146 
# 
loop_
_pdbx_poly_seq_scheme.asym_id 
_pdbx_poly_seq_scheme.entity_id 
_pdbx_poly_seq_scheme.seq_id 
_pdbx_poly_seq_scheme.mon_id 
_pdbx_poly_seq_scheme.ndb_seq_num 
_pdbx_poly_seq_scheme.pdb_seq_num 
_pdbx_poly_seq_scheme.auth_seq_num 
_pdbx_poly_seq_scheme.pdb_mon_id 
_pdbx_poly_seq_scheme.auth_mon_id 
_pdbx_poly_seq_scheme.pdb_strand_id 
_pdbx_poly_seq_scheme.pdb_ins_code 
_pdbx_poly_seq_scheme.hetero 
A 1 1   GLN 1   181 ?   ?   ?   A . n 
A 1 2   ASP 2   182 ?   ?   ?   A . n 
A 1 3   TYR 3   183 ?   ?   ?   A . n 
A 1 4   GLY 4   184 ?   ?   ?   A . n 
A 1 5   GLY 5   185 ?   ?   ?   A . n 
A 1 6   PHE 6   186 186 PHE PHE A . n 
A 1 7   PRO 7   187 187 PRO PRO A . n 
A 1 8   ALA 8   188 188 ALA ALA A . n 
A 1 9   PRO 9   189 189 PRO PRO A . n 
A 1 10  ILE 10  190 190 ILE ILE A . n 
A 1 11  LEU 11  191 191 LEU LEU A . n 
A 1 12  ARG 12  192 192 ARG ARG A . n 
A 1 13  ALA 13  193 193 ALA ALA A . n 
A 1 14  VAL 14  194 194 VAL VAL A . n 
A 1 15  PRO 15  195 195 PRO PRO A . n 
A 1 16  SER 16  196 196 SER SER A . n 
A 1 17  ALA 17  197 197 ALA ALA A . n 
A 1 18  GLU 18  198 198 GLU GLU A . n 
A 1 19  PRO 19  199 199 PRO PRO A . n 
A 1 20  GLN 20  200 200 GLN GLN A . n 
A 1 21  ALA 21  201 201 ALA ALA A . n 
A 1 22  GLY 22  202 202 GLY GLY A . n 
A 1 23  SER 23  203 203 SER SER A . n 
A 1 24  PRO 24  204 204 PRO PRO A . n 
A 1 25  MET 25  205 205 MET MET A . n 
A 1 26  THR 26  206 206 THR THR A . n 
A 1 27  LEU 27  207 207 LEU LEU A . n 
A 1 28  SER 28  208 208 SER SER A . n 
A 1 29  CYS 29  209 209 CYS CYS A . n 
A 1 30  GLN 30  210 210 GLN GLN A . n 
A 1 31  THR 31  211 211 THR THR A . n 
A 1 32  LYS 32  212 ?   ?   ?   A . n 
A 1 33  LEU 33  213 ?   ?   ?   A . n 
A 1 34  PRO 34  214 ?   ?   ?   A . n 
A 1 35  LEU 35  215 ?   ?   ?   A . n 
A 1 36  GLN 36  216 ?   ?   ?   A . n 
A 1 37  ARG 37  217 ?   ?   ?   A . n 
A 1 38  SER 38  218 ?   ?   ?   A . n 
A 1 39  ALA 39  219 ?   ?   ?   A . n 
A 1 40  ALA 40  220 ?   ?   ?   A . n 
A 1 41  ARG 41  221 221 ARG ARG A . n 
A 1 42  LEU 42  222 222 LEU LEU A . n 
A 1 43  LEU 43  223 223 LEU LEU A . n 
A 1 44  PHE 44  224 224 PHE PHE A . n 
A 1 45  SER 45  225 225 SER SER A . n 
A 1 46  PHE 46  226 226 PHE PHE A . n 
A 1 47  TYR 47  227 227 TYR TYR A . n 
A 1 48  LYS 48  228 228 LYS LYS A . n 
A 1 49  ASP 49  229 229 ASP ASP A . n 
A 1 50  GLY 50  230 230 GLY GLY A . n 
A 1 51  ARG 51  231 231 ARG ARG A . n 
A 1 52  ILE 52  232 232 ILE ILE A . n 
A 1 53  VAL 53  233 233 VAL VAL A . n 
A 1 54  GLN 54  234 234 GLN GLN A . n 
A 1 55  SER 55  235 235 SER SER A . n 
A 1 56  ARG 56  236 236 ARG ARG A . n 
A 1 57  GLY 57  237 237 GLY GLY A . n 
A 1 58  LEU 58  238 238 LEU LEU A . n 
A 1 59  SER 59  239 239 SER SER A . n 
A 1 60  SER 60  240 240 SER SER A . n 
A 1 61  GLU 61  241 241 GLU GLU A . n 
A 1 62  PHE 62  242 242 PHE PHE A . n 
A 1 63  GLN 63  243 243 GLN GLN A . n 
A 1 64  ILE 64  244 244 ILE ILE A . n 
A 1 65  PRO 65  245 245 PRO PRO A . n 
A 1 66  THR 66  246 246 THR THR A . n 
A 1 67  ALA 67  247 247 ALA ALA A . n 
A 1 68  SER 68  248 248 SER SER A . n 
A 1 69  GLU 69  249 249 GLU GLU A . n 
A 1 70  ASP 70  250 250 ASP ASP A . n 
A 1 71  HIS 71  251 251 HIS HIS A . n 
A 1 72  SER 72  252 252 SER SER A . n 
A 1 73  GLY 73  253 253 GLY GLY A . n 
A 1 74  SER 74  254 254 SER SER A . n 
A 1 75  TYR 75  255 255 TYR TYR A . n 
A 1 76  TRP 76  256 256 TRP TRP A . n 
A 1 77  CYS 77  257 257 CYS CYS A . n 
A 1 78  GLU 78  258 258 GLU GLU A . n 
A 1 79  ALA 79  259 259 ALA ALA A . n 
A 1 80  ALA 80  260 260 ALA ALA A . n 
A 1 81  THR 81  261 261 THR THR A . n 
A 1 82  GLU 82  262 262 GLU GLU A . n 
A 1 83  ASP 83  263 263 ASP ASP A . n 
A 1 84  ASN 84  264 264 ASN ASN A . n 
A 1 85  GLN 85  265 265 GLN GLN A . n 
A 1 86  VAL 86  266 266 VAL VAL A . n 
A 1 87  TRP 87  267 267 TRP TRP A . n 
A 1 88  LYS 88  268 268 LYS LYS A . n 
A 1 89  GLN 89  269 269 GLN GLN A . n 
A 1 90  SER 90  270 270 SER SER A . n 
A 1 91  PRO 91  271 271 PRO PRO A . n 
A 1 92  GLN 92  272 272 GLN GLN A . n 
A 1 93  LEU 93  273 273 LEU LEU A . n 
A 1 94  GLU 94  274 274 GLU GLU A . n 
A 1 95  ILE 95  275 275 ILE ILE A . n 
A 1 96  ARG 96  276 276 ARG ARG A . n 
A 1 97  VAL 97  277 277 VAL VAL A . n 
A 1 98  GLN 98  278 278 GLN GLN A . n 
A 1 99  GLY 99  279 279 GLY GLY A . n 
A 1 100 ALA 100 280 ?   ?   ?   A . n 
A 1 101 SER 101 281 ?   ?   ?   A . n 
A 1 102 ALA 102 282 ?   ?   ?   A . n 
A 1 103 GLU 103 283 ?   ?   ?   A . n 
A 1 104 ASN 104 284 ?   ?   ?   A . n 
A 1 105 LEU 105 285 ?   ?   ?   A . n 
A 1 106 TYR 106 286 ?   ?   ?   A . n 
A 1 107 PHE 107 287 ?   ?   ?   A . n 
A 1 108 GLN 108 288 ?   ?   ?   A . n 
# 
loop_
_pdbx_nonpoly_scheme.asym_id 
_pdbx_nonpoly_scheme.entity_id 
_pdbx_nonpoly_scheme.mon_id 
_pdbx_nonpoly_scheme.ndb_seq_num 
_pdbx_nonpoly_scheme.pdb_seq_num 
_pdbx_nonpoly_scheme.auth_seq_num 
_pdbx_nonpoly_scheme.pdb_mon_id 
_pdbx_nonpoly_scheme.auth_mon_id 
_pdbx_nonpoly_scheme.pdb_strand_id 
_pdbx_nonpoly_scheme.pdb_ins_code 
B 2 HOH 1  301 1  HOH HOH A . 
B 2 HOH 2  302 2  HOH HOH A . 
B 2 HOH 3  303 3  HOH HOH A . 
B 2 HOH 4  304 4  HOH HOH A . 
B 2 HOH 5  305 5  HOH HOH A . 
B 2 HOH 6  306 6  HOH HOH A . 
B 2 HOH 7  307 7  HOH HOH A . 
B 2 HOH 8  308 8  HOH HOH A . 
B 2 HOH 9  309 9  HOH HOH A . 
B 2 HOH 10 310 10 HOH HOH A . 
B 2 HOH 11 311 11 HOH HOH A . 
B 2 HOH 12 312 12 HOH HOH A . 
B 2 HOH 13 313 13 HOH HOH A . 
B 2 HOH 14 314 14 HOH HOH A . 
B 2 HOH 15 315 15 HOH HOH A . 
B 2 HOH 16 316 16 HOH HOH A . 
B 2 HOH 17 317 17 HOH HOH A . 
B 2 HOH 18 318 18 HOH HOH A . 
B 2 HOH 19 319 19 HOH HOH A . 
B 2 HOH 20 320 20 HOH HOH A . 
B 2 HOH 21 321 21 HOH HOH A . 
B 2 HOH 22 322 22 HOH HOH A . 
B 2 HOH 23 323 23 HOH HOH A . 
B 2 HOH 24 324 24 HOH HOH A . 
B 2 HOH 25 325 25 HOH HOH A . 
B 2 HOH 26 326 26 HOH HOH A . 
B 2 HOH 27 327 27 HOH HOH A . 
B 2 HOH 28 328 28 HOH HOH A . 
B 2 HOH 29 329 29 HOH HOH A . 
B 2 HOH 30 330 30 HOH HOH A . 
B 2 HOH 31 331 31 HOH HOH A . 
B 2 HOH 32 332 32 HOH HOH A . 
B 2 HOH 33 333 33 HOH HOH A . 
B 2 HOH 34 334 34 HOH HOH A . 
B 2 HOH 35 335 35 HOH HOH A . 
B 2 HOH 36 336 36 HOH HOH A . 
B 2 HOH 37 337 37 HOH HOH A . 
B 2 HOH 38 338 38 HOH HOH A . 
B 2 HOH 39 339 39 HOH HOH A . 
B 2 HOH 40 340 41 HOH HOH A . 
B 2 HOH 41 341 42 HOH HOH A . 
B 2 HOH 42 342 43 HOH HOH A . 
B 2 HOH 43 343 44 HOH HOH A . 
B 2 HOH 44 344 45 HOH HOH A . 
B 2 HOH 45 345 46 HOH HOH A . 
B 2 HOH 46 346 47 HOH HOH A . 
B 2 HOH 47 347 48 HOH HOH A . 
B 2 HOH 48 348 49 HOH HOH A . 
B 2 HOH 49 349 50 HOH HOH A . 
B 2 HOH 50 350 52 HOH HOH A . 
B 2 HOH 51 351 53 HOH HOH A . 
B 2 HOH 52 352 54 HOH HOH A . 
B 2 HOH 53 353 55 HOH HOH A . 
B 2 HOH 54 354 56 HOH HOH A . 
B 2 HOH 55 355 57 HOH HOH A . 
B 2 HOH 56 356 58 HOH HOH A . 
B 2 HOH 57 357 59 HOH HOH A . 
B 2 HOH 58 358 61 HOH HOH A . 
# 
loop_
_software.pdbx_ordinal 
_software.name 
_software.version 
_software.date 
_software.type 
_software.contact_author 
_software.contact_author_email 
_software.classification 
_software.location 
_software.language 
_software.citation_id 
1 SCALEPACK   .          ?                program 'Zbyszek Otwinowski' hkl@hkl-xray.com            'data scaling'    
http://www.hkl-xray.com/                    ?   ? 
2 PHASER      .          ?                program 'Randy J. Read'      cimr-phaser@lists.cam.ac.uk phasing           
http://www-structmed.cimr.cam.ac.uk/phaser/ ?   ? 
3 PHENIX      1.8.1_1168 ?                package 'Paul D. Adams'      PDAdams@lbl.gov             refinement        
http://www.phenix-online.org/               C++ ? 
4 PDB_EXTRACT 3.11       'April 22, 2011' package PDB                  deposit@deposit.rcsb.org    'data extraction' 
http://sw-tools.pdb.org/apps/PDB_EXTRACT/   C++ ? 
5 CBASS       .          ?                ?       ?                    ?                           'data collection' ? ?   ? 
6 HKL-2000    .          ?                ?       ?                    ?                           'data reduction'  ? ?   ? 
# 
_cell.length_a           31.198 
_cell.length_b           35.517 
_cell.length_c           73.883 
_cell.angle_alpha        90.000 
_cell.angle_beta         90.000 
_cell.angle_gamma        90.000 
_cell.entry_id           4HWN 
_cell.pdbx_unique_axis   ? 
_cell.Z_PDB              4 
_cell.length_a_esd       ? 
_cell.length_b_esd       ? 
_cell.length_c_esd       ? 
_cell.angle_alpha_esd    ? 
_cell.angle_beta_esd     ? 
_cell.angle_gamma_esd    ? 
# 
_symmetry.space_group_name_H-M             'P 21 21 21' 
_symmetry.entry_id                         4HWN 
_symmetry.Int_Tables_number                19 
_symmetry.pdbx_full_space_group_name_H-M   ? 
_symmetry.cell_setting                     ? 
_symmetry.space_group_name_Hall            ? 
# 
_exptl.crystals_number   1 
_exptl.entry_id          4HWN 
_exptl.method            'X-RAY DIFFRACTION' 
# 
_exptl_crystal.id                    1 
_exptl_crystal.density_Matthews      1.71 
_exptl_crystal.density_meas          ? 
_exptl_crystal.density_percent_sol   28.19 
_exptl_crystal.description           ? 
_exptl_crystal.F_000                 ? 
_exptl_crystal.preparation           ? 
# 
_exptl_crystal_grow.crystal_id      1 
_exptl_crystal_grow.method          'VAPOR DIFFUSION, SITTING DROP' 
_exptl_crystal_grow.pH              7.0 
_exptl_crystal_grow.temp            298 
_exptl_crystal_grow.pdbx_details    
;Protein (20 mM Hepes, pH 7.5, 150 mM NaCl, 10% glycerol; Reservoir (0.1M Sodium Cacodylate pH 6.5, 0.2M Sodium Chloride, 2M Ammonium Sulfate); Cryoprotection (Reservoir + 2M Lithium Sulfate), Sitting Drop Vapor Diffusion, temperature 298K, VAPOR DIFFUSION, SITTING DROP
;
_exptl_crystal_grow.temp_details    ? 
_exptl_crystal_grow.pdbx_pH_range   ? 
# 
_diffrn.id                     1 
_diffrn.ambient_temp           100 
_diffrn.ambient_temp_details   ? 
_diffrn.crystal_id             1 
# 
_diffrn_detector.diffrn_id              1 
_diffrn_detector.detector               CCD 
_diffrn_detector.details                MIRRORS 
_diffrn_detector.type                   'ADSC QUANTUM 315' 
_diffrn_detector.pdbx_collection_date   2012-10-18 
# 
_diffrn_radiation.diffrn_id                        1 
_diffrn_radiation.pdbx_diffrn_protocol             'SINGLE WAVELENGTH' 
_diffrn_radiation.monochromator                    GRAPHITE 
_diffrn_radiation.wavelength_id                    1 
_diffrn_radiation.pdbx_monochromatic_or_laue_m_l   M 
_diffrn_radiation.pdbx_scattering_type             x-ray 
# 
_diffrn_radiation_wavelength.id           1 
_diffrn_radiation_wavelength.wavelength   1.0750 
_diffrn_radiation_wavelength.wt           1.0 
# 
_diffrn_source.diffrn_id                   1 
_diffrn_source.source                      SYNCHROTRON 
_diffrn_source.type                        'NSLS BEAMLINE X29A' 
_diffrn_source.pdbx_wavelength_list        1.0750 
_diffrn_source.pdbx_wavelength             ? 
_diffrn_source.pdbx_synchrotron_site       NSLS 
_diffrn_source.pdbx_synchrotron_beamline   X29A 
# 
_reflns.entry_id                     4HWN 
_reflns.d_resolution_high            2.000 
_reflns.d_resolution_low             50.000 
_reflns.number_obs                   5840 
_reflns.pdbx_Rmerge_I_obs            0.070 
_reflns.pdbx_netI_over_sigmaI        31.100 
_reflns.pdbx_chi_squared             0.958 
_reflns.pdbx_redundancy              10.600 
_reflns.percent_possible_obs         99.000 
_reflns.observed_criterion_sigma_F   ? 
_reflns.observed_criterion_sigma_I   ? 
_reflns.number_all                   ? 
_reflns.pdbx_Rsym_value              ? 
_reflns.B_iso_Wilson_estimate        ? 
_reflns.R_free_details               ? 
_reflns.limit_h_max                  ? 
_reflns.limit_h_min                  ? 
_reflns.limit_k_max                  ? 
_reflns.limit_k_min                  ? 
_reflns.limit_l_max                  ? 
_reflns.limit_l_min                  ? 
_reflns.observed_criterion_F_max     ? 
_reflns.observed_criterion_F_min     ? 
_reflns.pdbx_scaling_rejects         ? 
_reflns.pdbx_ordinal                 1 
_reflns.pdbx_diffrn_id               1 
# 
loop_
_reflns_shell.d_res_high 
_reflns_shell.d_res_low 
_reflns_shell.number_measured_obs 
_reflns_shell.number_measured_all 
_reflns_shell.number_unique_obs 
_reflns_shell.Rmerge_I_obs 
_reflns_shell.meanI_over_sigI_obs 
_reflns_shell.pdbx_Rsym_value 
_reflns_shell.pdbx_chi_squared 
_reflns_shell.pdbx_redundancy 
_reflns_shell.percent_possible_obs 
_reflns_shell.number_unique_all 
_reflns_shell.percent_possible_all 
_reflns_shell.pdbx_ordinal 
_reflns_shell.pdbx_diffrn_id 
2.000 2.030  ? ? ? 0.213 ? ? 1.006 11.200 ? 288 100.000 1  1 
2.030 2.070  ? ? ? 0.196 ? ? 0.953 10.800 ? 282 100.000 2  1 
2.070 2.110  ? ? ? 0.206 ? ? 1.029 11.200 ? 280 98.600  3  1 
2.110 2.150  ? ? ? 0.162 ? ? 1.054 11.100 ? 286 100.000 4  1 
2.150 2.200  ? ? ? 0.160 ? ? 1.007 11.200 ? 286 100.000 5  1 
2.200 2.250  ? ? ? 0.162 ? ? 1.087 10.900 ? 287 99.000  6  1 
2.250 2.310  ? ? ? 0.146 ? ? 0.945 11.000 ? 281 100.000 7  1 
2.310 2.370  ? ? ? 0.121 ? ? 1.043 10.800 ? 305 99.700  8  1 
2.370 2.440  ? ? ? 0.119 ? ? 0.999 11.100 ? 275 100.000 9  1 
2.440 2.520  ? ? ? 0.123 ? ? 1.027 11.000 ? 290 100.000 10 1 
2.520 2.610  ? ? ? 0.098 ? ? 0.936 10.800 ? 295 100.000 11 1 
2.610 2.710  ? ? ? 0.092 ? ? 0.925 10.700 ? 282 99.600  12 1 
2.710 2.840  ? ? ? 0.089 ? ? 0.977 10.700 ? 298 99.700  13 1 
2.840 2.990  ? ? ? 0.072 ? ? 0.899 10.600 ? 289 100.000 14 1 
2.990 3.170  ? ? ? 0.064 ? ? 0.841 10.500 ? 294 99.000  15 1 
3.170 3.420  ? ? ? 0.056 ? ? 0.836 10.200 ? 300 98.400  16 1 
3.420 3.760  ? ? ? 0.051 ? ? 0.860 9.700  ? 281 97.200  17 1 
3.760 4.310  ? ? ? 0.048 ? ? 0.783 9.500  ? 297 94.900  18 1 
4.310 5.430  ? ? ? 0.048 ? ? 0.775 9.300  ? 298 97.100  19 1 
5.430 50.000 ? ? ? 0.059 ? ? 1.098 9.400  ? 346 98.000  20 1 
# 
_refine.ls_percent_reflns_R_free                 4.5700 
_refine.overall_SU_B                             ? 
_refine.pdbx_solvent_vdw_probe_radii             1.1100 
_refine.pdbx_R_Free_selection_details            RANDOM 
_refine.overall_FOM_free_R_set                   ? 
_refine.pdbx_data_cutoff_low_absF                ? 
_refine.entry_id                                 4HWN 
_refine.aniso_B[2][3]                            ? 
_refine.overall_SU_R_Cruickshank_DPI             ? 
_refine.overall_SU_ML                            0.2300 
_refine.pdbx_ls_sigma_I                          ? 
_refine.aniso_B[1][3]                            ? 
_refine.pdbx_stereochemistry_target_values       ML 
_refine.aniso_B[3][3]                            ? 
_refine.occupancy_max                            1.000 
_refine.ls_number_restraints                     ? 
_refine.aniso_B[1][1]                            ? 
_refine.pdbx_overall_ESU_R                       ? 
_refine.ls_R_factor_obs                          0.1863 
_refine.pdbx_ls_cross_valid_method               ? 
_refine.pdbx_solvent_ion_probe_radii             ? 
_refine.pdbx_starting_model                      'PDB entry 3RJD' 
_refine.ls_wR_factor_R_free                      ? 
_refine.ls_wR_factor_R_work                      ? 
_refine.pdbx_isotropic_thermal_model             ? 
_refine.pdbx_method_to_determine_struct          'MOLECULAR REPLACEMENT' 
_refine.solvent_model_param_ksol                 ? 
_refine.pdbx_solvent_shrinkage_radii             0.9000 
_refine.correlation_coeff_Fo_to_Fc               ? 
_refine.ls_number_reflns_R_free                  248 
_refine.correlation_coeff_Fo_to_Fc_free          ? 
_refine.pdbx_ls_sigma_F                          1.370 
_refine.ls_percent_reflns_obs                    92.1700 
_refine.ls_R_factor_R_work                       0.1843 
_refine.overall_SU_R_free                        ? 
_refine.ls_d_res_high                            2.0060 
_refine.pdbx_overall_ESU_R_Free                  ? 
_refine.B_iso_min                                5.060 
_refine.occupancy_min                            0.390 
_refine.B_iso_mean                               20.0865 
_refine.pdbx_stereochem_target_val_spec_case     ? 
_refine.ls_R_factor_all                          ? 
_refine.aniso_B[2][2]                            ? 
_refine.B_iso_max                                85.550 
_refine.ls_d_res_low                             36.9410 
_refine.pdbx_overall_phase_error                 24.9400 
_refine.solvent_model_details                    'FLAT BULK SOLVENT MODEL' 
_refine.aniso_B[1][2]                            ? 
_refine.ls_R_factor_R_free                       0.2287 
_refine.ls_R_factor_R_free_error                 ? 
_refine.ls_number_reflns_obs                     5430 
_refine.overall_FOM_work_R_set                   ? 
_refine.ls_number_parameters                     ? 
_refine.details                                  ? 
_refine.ls_number_reflns_all                     ? 
_refine.ls_redundancy_reflns_obs                 ? 
_refine.pdbx_data_cutoff_high_absF               ? 
_refine.solvent_model_param_bsol                 ? 
_refine.ls_R_factor_R_free_error_details         ? 
_refine.pdbx_data_cutoff_high_rms_absF           ? 
_refine.pdbx_diffrn_id                           1 
_refine.pdbx_refine_id                           'X-RAY DIFFRACTION' 
_refine.pdbx_TLS_residual_ADP_flag               ? 
_refine.pdbx_overall_SU_R_free_Cruickshank_DPI   ? 
_refine.pdbx_overall_SU_R_Blow_DPI               ? 
_refine.pdbx_overall_SU_R_free_Blow_DPI          ? 
# 
_refine_hist.pdbx_refine_id                   'X-RAY DIFFRACTION' 
_refine_hist.cycle_id                         LAST 
_refine_hist.pdbx_number_atoms_protein        663 
_refine_hist.pdbx_number_atoms_nucleic_acid   0 
_refine_hist.pdbx_number_atoms_ligand         0 
_refine_hist.number_atoms_solvent             58 
_refine_hist.number_atoms_total               721 
_refine_hist.d_res_high                       2.0060 
_refine_hist.d_res_low                        36.9410 
# 
loop_
_refine_ls_restr.type 
_refine_ls_restr.number 
_refine_ls_restr.dev_ideal 
_refine_ls_restr.dev_ideal_target 
_refine_ls_restr.weight 
_refine_ls_restr.pdbx_restraint_function 
_refine_ls_restr.pdbx_refine_id 
f_bond_d           699 0.007  ? ? ? 'X-RAY DIFFRACTION' 
f_angle_d          950 1.049  ? ? ? 'X-RAY DIFFRACTION' 
f_chiral_restr     101 0.069  ? ? ? 'X-RAY DIFFRACTION' 
f_plane_restr      127 0.005  ? ? ? 'X-RAY DIFFRACTION' 
f_dihedral_angle_d 260 17.177 ? ? ? 'X-RAY DIFFRACTION' 
# 
loop_
_refine_ls_shell.d_res_high 
_refine_ls_shell.d_res_low 
_refine_ls_shell.pdbx_total_number_of_bins_used 
_refine_ls_shell.percent_reflns_obs 
_refine_ls_shell.number_reflns_R_work 
_refine_ls_shell.R_factor_all 
_refine_ls_shell.R_factor_R_work 
_refine_ls_shell.R_factor_R_free 
_refine_ls_shell.percent_reflns_R_free 
_refine_ls_shell.number_reflns_R_free 
_refine_ls_shell.R_factor_R_free_error 
_refine_ls_shell.number_reflns_all 
_refine_ls_shell.number_reflns_obs 
_refine_ls_shell.redundancy_reflns_obs 
_refine_ls_shell.pdbx_refine_id 
2.0061 2.5275  2 86.0000 2354 . 0.1877 0.2865 . 108 . 2462 . . 'X-RAY DIFFRACTION' 
2.5275 36.9477 2 98.0000 2828 . 0.1831 0.2120 . 140 . 2968 . . 'X-RAY DIFFRACTION' 
# 
_struct.entry_id                  4HWN 
_struct.title                     
'Crystal structure of the second Ig-C2 domain of human Fc-receptor like A (FCRLA), Isoform 9 [NYSGRC-005836]' 
_struct.pdbx_model_details        ? 
_struct.pdbx_CASP_flag            ? 
_struct.pdbx_model_type_details   ? 
# 
_struct_keywords.entry_id        4HWN 
_struct_keywords.text            
;FCRLA, FCRL, Ig-C2 domain, Ig superfamily, IMMUNE SYSTEM, Structural genomics, PSI-biology, New York Structural Genomics Research Consortium, NYSGRC, Atoms-to-Animals: The Immune Function Network, IFN
;
_struct_keywords.pdbx_keywords   'IMMUNE SYSTEM' 
# 
loop_
_struct_asym.id 
_struct_asym.pdbx_blank_PDB_chainid_flag 
_struct_asym.pdbx_modified 
_struct_asym.entity_id 
_struct_asym.details 
A N N 1 ? 
B N N 2 ? 
# 
_struct_ref.id                         1 
_struct_ref.db_name                    UNP 
_struct_ref.db_code                    FCRLA_HUMAN 
_struct_ref.pdbx_db_accession          Q7L513 
_struct_ref.entity_id                  1 
_struct_ref.pdbx_seq_one_letter_code   
;FPAPILRAVPSAEPQAGSPMTLSCQTKLPLQRSAARLLFSFYKDGRIVQSRGLSSEFQIPTASEDHSGSYWCEAATEDNQ
VWKQSPQLEIRVQGAS
;
_struct_ref.pdbx_align_begin           169 
_struct_ref.pdbx_db_isoform            ? 
# 
_struct_ref_seq.align_id                      1 
_struct_ref_seq.ref_id                        1 
_struct_ref_seq.pdbx_PDB_id_code              4HWN 
_struct_ref_seq.pdbx_strand_id                A 
_struct_ref_seq.seq_align_beg                 6 
_struct_ref_seq.pdbx_seq_align_beg_ins_code   ? 
_struct_ref_seq.seq_align_end                 101 
_struct_ref_seq.pdbx_seq_align_end_ins_code   ? 
_struct_ref_seq.pdbx_db_accession             Q7L513 
_struct_ref_seq.db_align_beg                  169 
_struct_ref_seq.pdbx_db_align_beg_ins_code    ? 
_struct_ref_seq.db_align_end                  264 
_struct_ref_seq.pdbx_db_align_end_ins_code    ? 
_struct_ref_seq.pdbx_auth_seq_align_beg       186 
_struct_ref_seq.pdbx_auth_seq_align_end       281 
# 
loop_
_struct_ref_seq_dif.align_id 
_struct_ref_seq_dif.pdbx_pdb_id_code 
_struct_ref_seq_dif.mon_id 
_struct_ref_seq_dif.pdbx_pdb_strand_id 
_struct_ref_seq_dif.seq_num 
_struct_ref_seq_dif.pdbx_pdb_ins_code 
_struct_ref_seq_dif.pdbx_seq_db_name 
_struct_ref_seq_dif.pdbx_seq_db_accession_code 
_struct_ref_seq_dif.db_mon_id 
_struct_ref_seq_dif.pdbx_seq_db_seq_num 
_struct_ref_seq_dif.details 
_struct_ref_seq_dif.pdbx_auth_seq_num 
_struct_ref_seq_dif.pdbx_ordinal 
1 4HWN GLN A 1   ? UNP Q7L513 ? ? 'expression tag' 181 1  
1 4HWN ASP A 2   ? UNP Q7L513 ? ? 'expression tag' 182 2  
1 4HWN TYR A 3   ? UNP Q7L513 ? ? 'expression tag' 183 3  
1 4HWN GLY A 4   ? UNP Q7L513 ? ? 'expression tag' 184 4  
1 4HWN GLY A 5   ? UNP Q7L513 ? ? 'expression tag' 185 5  
1 4HWN ALA A 102 ? UNP Q7L513 ? ? 'expression tag' 282 6  
1 4HWN GLU A 103 ? UNP Q7L513 ? ? 'expression tag' 283 7  
1 4HWN ASN A 104 ? UNP Q7L513 ? ? 'expression tag' 284 8  
1 4HWN LEU A 105 ? UNP Q7L513 ? ? 'expression tag' 285 9  
1 4HWN TYR A 106 ? UNP Q7L513 ? ? 'expression tag' 286 10 
1 4HWN PHE A 107 ? UNP Q7L513 ? ? 'expression tag' 287 11 
1 4HWN GLN A 108 ? UNP Q7L513 ? ? 'expression tag' 288 12 
# 
_pdbx_struct_assembly.id                   1 
_pdbx_struct_assembly.details              author_and_software_defined_assembly 
_pdbx_struct_assembly.method_details       PISA 
_pdbx_struct_assembly.oligomeric_details   monomeric 
_pdbx_struct_assembly.oligomeric_count     1 
# 
_pdbx_struct_assembly_gen.assembly_id       1 
_pdbx_struct_assembly_gen.oper_expression   1 
_pdbx_struct_assembly_gen.asym_id_list      A,B 
# 
_pdbx_struct_oper_list.id                   1 
_pdbx_struct_oper_list.type                 'identity operation' 
_pdbx_struct_oper_list.name                 1_555 
_pdbx_struct_oper_list.symmetry_operation   x,y,z 
_pdbx_struct_oper_list.matrix[1][1]         1.0000000000 
_pdbx_struct_oper_list.matrix[1][2]         0.0000000000 
_pdbx_struct_oper_list.matrix[1][3]         0.0000000000 
_pdbx_struct_oper_list.vector[1]            0.0000000000 
_pdbx_struct_oper_list.matrix[2][1]         0.0000000000 
_pdbx_struct_oper_list.matrix[2][2]         1.0000000000 
_pdbx_struct_oper_list.matrix[2][3]         0.0000000000 
_pdbx_struct_oper_list.vector[2]            0.0000000000 
_pdbx_struct_oper_list.matrix[3][1]         0.0000000000 
_pdbx_struct_oper_list.matrix[3][2]         0.0000000000 
_pdbx_struct_oper_list.matrix[3][3]         1.0000000000 
_pdbx_struct_oper_list.vector[3]            0.0000000000 
# 
_struct_biol.id        1 
_struct_biol.details   'The biological assembly is a monomer' 
# 
_struct_conf.conf_type_id            HELX_P 
_struct_conf.id                      HELX_P1 
_struct_conf.pdbx_PDB_helix_id       1 
_struct_conf.beg_label_comp_id       SER 
_struct_conf.beg_label_asym_id       A 
_struct_conf.beg_label_seq_id        68 
_struct_conf.pdbx_beg_PDB_ins_code   ? 
_struct_conf.end_label_comp_id       SER 
_struct_conf.end_label_asym_id       A 
_struct_conf.end_label_seq_id        72 
_struct_conf.pdbx_end_PDB_ins_code   ? 
_struct_conf.beg_auth_comp_id        SER 
_struct_conf.beg_auth_asym_id        A 
_struct_conf.beg_auth_seq_id         248 
_struct_conf.end_auth_comp_id        SER 
_struct_conf.end_auth_asym_id        A 
_struct_conf.end_auth_seq_id         252 
_struct_conf.pdbx_PDB_helix_class    5 
_struct_conf.details                 ? 
_struct_conf.pdbx_PDB_helix_length   5 
# 
_struct_conf_type.id          HELX_P 
_struct_conf_type.criteria    ? 
_struct_conf_type.reference   ? 
# 
_struct_conn.id                            disulf1 
_struct_conn.conn_type_id                  disulf 
_struct_conn.pdbx_leaving_atom_flag        ? 
_struct_conn.pdbx_PDB_id                   ? 
_struct_conn.ptnr1_label_asym_id           A 
_struct_conn.ptnr1_label_comp_id           CYS 
_struct_conn.ptnr1_label_seq_id            29 
_struct_conn.ptnr1_label_atom_id           SG 
_struct_conn.pdbx_ptnr1_label_alt_id       ? 
_struct_conn.pdbx_ptnr1_PDB_ins_code       ? 
_struct_conn.pdbx_ptnr1_standard_comp_id   ? 
_struct_conn.ptnr1_symmetry                1_555 
_struct_conn.ptnr2_label_asym_id           A 
_struct_conn.ptnr2_label_comp_id           CYS 
_struct_conn.ptnr2_label_seq_id            77 
_struct_conn.ptnr2_label_atom_id           SG 
_struct_conn.pdbx_ptnr2_label_alt_id       ? 
_struct_conn.pdbx_ptnr2_PDB_ins_code       ? 
_struct_conn.ptnr1_auth_asym_id            A 
_struct_conn.ptnr1_auth_comp_id            CYS 
_struct_conn.ptnr1_auth_seq_id             209 
_struct_conn.ptnr2_auth_asym_id            A 
_struct_conn.ptnr2_auth_comp_id            CYS 
_struct_conn.ptnr2_auth_seq_id             257 
_struct_conn.ptnr2_symmetry                1_555 
_struct_conn.pdbx_ptnr3_label_atom_id      ? 
_struct_conn.pdbx_ptnr3_label_seq_id       ? 
_struct_conn.pdbx_ptnr3_label_comp_id      ? 
_struct_conn.pdbx_ptnr3_label_asym_id      ? 
_struct_conn.pdbx_ptnr3_label_alt_id       ? 
_struct_conn.pdbx_ptnr3_PDB_ins_code       ? 
_struct_conn.details                       ? 
_struct_conn.pdbx_dist_value               2.046 
_struct_conn.pdbx_value_order              ? 
_struct_conn.pdbx_role                     ? 
# 
_struct_conn_type.id          disulf 
_struct_conn_type.criteria    ? 
_struct_conn_type.reference   ? 
# 
_pdbx_modification_feature.ordinal                            1 
_pdbx_modification_feature.label_comp_id                      CYS 
_pdbx_modification_feature.label_asym_id                      A 
_pdbx_modification_feature.label_seq_id                       29 
_pdbx_modification_feature.label_alt_id                       ? 
_pdbx_modification_feature.modified_residue_label_comp_id     CYS 
_pdbx_modification_feature.modified_residue_label_asym_id     A 
_pdbx_modification_feature.modified_residue_label_seq_id      77 
_pdbx_modification_feature.modified_residue_label_alt_id      ? 
_pdbx_modification_feature.auth_comp_id                       CYS 
_pdbx_modification_feature.auth_asym_id                       A 
_pdbx_modification_feature.auth_seq_id                        209 
_pdbx_modification_feature.PDB_ins_code                       ? 
_pdbx_modification_feature.symmetry                           1_555 
_pdbx_modification_feature.modified_residue_auth_comp_id      CYS 
_pdbx_modification_feature.modified_residue_auth_asym_id      A 
_pdbx_modification_feature.modified_residue_auth_seq_id       257 
_pdbx_modification_feature.modified_residue_PDB_ins_code      ? 
_pdbx_modification_feature.modified_residue_symmetry          1_555 
_pdbx_modification_feature.comp_id_linking_atom               SG 
_pdbx_modification_feature.modified_residue_id_linking_atom   SG 
_pdbx_modification_feature.modified_residue_id                . 
_pdbx_modification_feature.ref_pcm_id                         . 
_pdbx_modification_feature.ref_comp_id                        . 
_pdbx_modification_feature.type                               None 
_pdbx_modification_feature.category                           'Disulfide bridge' 
# 
_struct_mon_prot_cis.pdbx_id                1 
_struct_mon_prot_cis.label_comp_id          VAL 
_struct_mon_prot_cis.label_seq_id           14 
_struct_mon_prot_cis.label_asym_id          A 
_struct_mon_prot_cis.label_alt_id           . 
_struct_mon_prot_cis.pdbx_PDB_ins_code      ? 
_struct_mon_prot_cis.auth_comp_id           VAL 
_struct_mon_prot_cis.auth_seq_id            194 
_struct_mon_prot_cis.auth_asym_id           A 
_struct_mon_prot_cis.pdbx_label_comp_id_2   PRO 
_struct_mon_prot_cis.pdbx_label_seq_id_2    15 
_struct_mon_prot_cis.pdbx_label_asym_id_2   A 
_struct_mon_prot_cis.pdbx_PDB_ins_code_2    ? 
_struct_mon_prot_cis.pdbx_auth_comp_id_2    PRO 
_struct_mon_prot_cis.pdbx_auth_seq_id_2     195 
_struct_mon_prot_cis.pdbx_auth_asym_id_2    A 
_struct_mon_prot_cis.pdbx_PDB_model_num     1 
_struct_mon_prot_cis.pdbx_omega_angle       5.79 
# 
loop_
_struct_sheet.id 
_struct_sheet.type 
_struct_sheet.number_strands 
_struct_sheet.details 
A ? 3 ? 
B ? 4 ? 
C ? 4 ? 
# 
loop_
_struct_sheet_order.sheet_id 
_struct_sheet_order.range_id_1 
_struct_sheet_order.range_id_2 
_struct_sheet_order.offset 
_struct_sheet_order.sense 
A 1 2 ? anti-parallel 
A 2 3 ? anti-parallel 
B 1 2 ? anti-parallel 
B 2 3 ? anti-parallel 
B 3 4 ? anti-parallel 
C 1 2 ? anti-parallel 
C 2 3 ? anti-parallel 
C 3 4 ? anti-parallel 
# 
loop_
_struct_sheet_range.sheet_id 
_struct_sheet_range.id 
_struct_sheet_range.beg_label_comp_id 
_struct_sheet_range.beg_label_asym_id 
_struct_sheet_range.beg_label_seq_id 
_struct_sheet_range.pdbx_beg_PDB_ins_code 
_struct_sheet_range.end_label_comp_id 
_struct_sheet_range.end_label_asym_id 
_struct_sheet_range.end_label_seq_id 
_struct_sheet_range.pdbx_end_PDB_ins_code 
_struct_sheet_range.beg_auth_comp_id 
_struct_sheet_range.beg_auth_asym_id 
_struct_sheet_range.beg_auth_seq_id 
_struct_sheet_range.end_auth_comp_id 
_struct_sheet_range.end_auth_asym_id 
_struct_sheet_range.end_auth_seq_id 
A 1 ILE A 10 ? VAL A 14 ? ILE A 190 VAL A 194 
A 2 MET A 25 ? GLN A 30 ? MET A 205 GLN A 210 
A 3 GLU A 61 ? ILE A 64 ? GLU A 241 ILE A 244 
B 1 ARG A 51 ? GLY A 57 ? ARG A 231 GLY A 237 
B 2 LEU A 43 ? LYS A 48 ? LEU A 223 LYS A 228 
B 3 GLY A 73 ? ALA A 80 ? GLY A 253 ALA A 260 
B 4 TRP A 87 ? GLN A 89 ? TRP A 267 GLN A 269 
C 1 ARG A 51 ? GLY A 57 ? ARG A 231 GLY A 237 
C 2 LEU A 43 ? LYS A 48 ? LEU A 223 LYS A 228 
C 3 GLY A 73 ? ALA A 80 ? GLY A 253 ALA A 260 
C 4 LEU A 93 ? ILE A 95 ? LEU A 273 ILE A 275 
# 
loop_
_pdbx_struct_sheet_hbond.sheet_id 
_pdbx_struct_sheet_hbond.range_id_1 
_pdbx_struct_sheet_hbond.range_id_2 
_pdbx_struct_sheet_hbond.range_1_label_atom_id 
_pdbx_struct_sheet_hbond.range_1_label_comp_id 
_pdbx_struct_sheet_hbond.range_1_label_asym_id 
_pdbx_struct_sheet_hbond.range_1_label_seq_id 
_pdbx_struct_sheet_hbond.range_1_PDB_ins_code 
_pdbx_struct_sheet_hbond.range_1_auth_atom_id 
_pdbx_struct_sheet_hbond.range_1_auth_comp_id 
_pdbx_struct_sheet_hbond.range_1_auth_asym_id 
_pdbx_struct_sheet_hbond.range_1_auth_seq_id 
_pdbx_struct_sheet_hbond.range_2_label_atom_id 
_pdbx_struct_sheet_hbond.range_2_label_comp_id 
_pdbx_struct_sheet_hbond.range_2_label_asym_id 
_pdbx_struct_sheet_hbond.range_2_label_seq_id 
_pdbx_struct_sheet_hbond.range_2_PDB_ins_code 
_pdbx_struct_sheet_hbond.range_2_auth_atom_id 
_pdbx_struct_sheet_hbond.range_2_auth_comp_id 
_pdbx_struct_sheet_hbond.range_2_auth_asym_id 
_pdbx_struct_sheet_hbond.range_2_auth_seq_id 
A 1 2 N ILE A 10 ? N ILE A 190 O GLN A 30 ? O GLN A 210 
A 2 3 N MET A 25 ? N MET A 205 O ILE A 64 ? O ILE A 244 
B 1 2 O ARG A 51 ? O ARG A 231 N LYS A 48 ? N LYS A 228 
B 2 3 N TYR A 47 ? N TYR A 227 O TRP A 76 ? O TRP A 256 
B 3 4 N ALA A 79 ? N ALA A 259 O LYS A 88 ? O LYS A 268 
C 1 2 O ARG A 51 ? O ARG A 231 N LYS A 48 ? N LYS A 228 
C 2 3 N TYR A 47 ? N TYR A 227 O TRP A 76 ? O TRP A 256 
C 3 4 N GLY A 73 ? N GLY A 253 O ILE A 95 ? O ILE A 275 
# 
_pdbx_entry_details.entry_id                   4HWN 
_pdbx_entry_details.compound_details           ? 
_pdbx_entry_details.source_details             ? 
_pdbx_entry_details.nonpolymer_details         ? 
_pdbx_entry_details.sequence_details           ? 
_pdbx_entry_details.has_ligand_of_interest     ? 
_pdbx_entry_details.has_protein_modification   Y 
# 
loop_
_pdbx_SG_project.id 
_pdbx_SG_project.project_name 
_pdbx_SG_project.full_name_of_center 
_pdbx_SG_project.initial_of_center 
1 PSI:Biology 'New York Structural Genomics Research Consortium' NYSGRC 
2 PSI:Biology 'Atoms-to-Animals: The Immune Function Network'    IFN    
# 
_phasing.method   MR 
# 
loop_
_pdbx_unobs_or_zero_occ_residues.id 
_pdbx_unobs_or_zero_occ_residues.PDB_model_num 
_pdbx_unobs_or_zero_occ_residues.polymer_flag 
_pdbx_unobs_or_zero_occ_residues.occupancy_flag 
_pdbx_unobs_or_zero_occ_residues.auth_asym_id 
_pdbx_unobs_or_zero_occ_residues.auth_comp_id 
_pdbx_unobs_or_zero_occ_residues.auth_seq_id 
_pdbx_unobs_or_zero_occ_residues.PDB_ins_code 
_pdbx_unobs_or_zero_occ_residues.label_asym_id 
_pdbx_unobs_or_zero_occ_residues.label_comp_id 
_pdbx_unobs_or_zero_occ_residues.label_seq_id 
1  1 Y 1 A GLN 181 ? A GLN 1   
2  1 Y 1 A ASP 182 ? A ASP 2   
3  1 Y 1 A TYR 183 ? A TYR 3   
4  1 Y 1 A GLY 184 ? A GLY 4   
5  1 Y 1 A GLY 185 ? A GLY 5   
6  1 Y 1 A LYS 212 ? A LYS 32  
7  1 Y 1 A LEU 213 ? A LEU 33  
8  1 Y 1 A PRO 214 ? A PRO 34  
9  1 Y 1 A LEU 215 ? A LEU 35  
10 1 Y 1 A GLN 216 ? A GLN 36  
11 1 Y 1 A ARG 217 ? A ARG 37  
12 1 Y 1 A SER 218 ? A SER 38  
13 1 Y 1 A ALA 219 ? A ALA 39  
14 1 Y 1 A ALA 220 ? A ALA 40  
15 1 Y 1 A ALA 280 ? A ALA 100 
16 1 Y 1 A SER 281 ? A SER 101 
17 1 Y 1 A ALA 282 ? A ALA 102 
18 1 Y 1 A GLU 283 ? A GLU 103 
19 1 Y 1 A ASN 284 ? A ASN 104 
20 1 Y 1 A LEU 285 ? A LEU 105 
21 1 Y 1 A TYR 286 ? A TYR 106 
22 1 Y 1 A PHE 287 ? A PHE 107 
23 1 Y 1 A GLN 288 ? A GLN 108 
# 
loop_
_chem_comp_atom.comp_id 
_chem_comp_atom.atom_id 
_chem_comp_atom.type_symbol 
_chem_comp_atom.pdbx_aromatic_flag 
_chem_comp_atom.pdbx_stereo_config 
_chem_comp_atom.pdbx_ordinal 
ALA N    N N N 1   
ALA CA   C N S 2   
ALA C    C N N 3   
ALA O    O N N 4   
ALA CB   C N N 5   
ALA OXT  O N N 6   
ALA H    H N N 7   
ALA H2   H N N 8   
ALA HA   H N N 9   
ALA HB1  H N N 10  
ALA HB2  H N N 11  
ALA HB3  H N N 12  
ALA HXT  H N N 13  
ARG N    N N N 14  
ARG CA   C N S 15  
ARG C    C N N 16  
ARG O    O N N 17  
ARG CB   C N N 18  
ARG CG   C N N 19  
ARG CD   C N N 20  
ARG NE   N N N 21  
ARG CZ   C N N 22  
ARG NH1  N N N 23  
ARG NH2  N N N 24  
ARG OXT  O N N 25  
ARG H    H N N 26  
ARG H2   H N N 27  
ARG HA   H N N 28  
ARG HB2  H N N 29  
ARG HB3  H N N 30  
ARG HG2  H N N 31  
ARG HG3  H N N 32  
ARG HD2  H N N 33  
ARG HD3  H N N 34  
ARG HE   H N N 35  
ARG HH11 H N N 36  
ARG HH12 H N N 37  
ARG HH21 H N N 38  
ARG HH22 H N N 39  
ARG HXT  H N N 40  
ASN N    N N N 41  
ASN CA   C N S 42  
ASN C    C N N 43  
ASN O    O N N 44  
ASN CB   C N N 45  
ASN CG   C N N 46  
ASN OD1  O N N 47  
ASN ND2  N N N 48  
ASN OXT  O N N 49  
ASN H    H N N 50  
ASN H2   H N N 51  
ASN HA   H N N 52  
ASN HB2  H N N 53  
ASN HB3  H N N 54  
ASN HD21 H N N 55  
ASN HD22 H N N 56  
ASN HXT  H N N 57  
ASP N    N N N 58  
ASP CA   C N S 59  
ASP C    C N N 60  
ASP O    O N N 61  
ASP CB   C N N 62  
ASP CG   C N N 63  
ASP OD1  O N N 64  
ASP OD2  O N N 65  
ASP OXT  O N N 66  
ASP H    H N N 67  
ASP H2   H N N 68  
ASP HA   H N N 69  
ASP HB2  H N N 70  
ASP HB3  H N N 71  
ASP HD2  H N N 72  
ASP HXT  H N N 73  
CYS N    N N N 74  
CYS CA   C N R 75  
CYS C    C N N 76  
CYS O    O N N 77  
CYS CB   C N N 78  
CYS SG   S N N 79  
CYS OXT  O N N 80  
CYS H    H N N 81  
CYS H2   H N N 82  
CYS HA   H N N 83  
CYS HB2  H N N 84  
CYS HB3  H N N 85  
CYS HG   H N N 86  
CYS HXT  H N N 87  
GLN N    N N N 88  
GLN CA   C N S 89  
GLN C    C N N 90  
GLN O    O N N 91  
GLN CB   C N N 92  
GLN CG   C N N 93  
GLN CD   C N N 94  
GLN OE1  O N N 95  
GLN NE2  N N N 96  
GLN OXT  O N N 97  
GLN H    H N N 98  
GLN H2   H N N 99  
GLN HA   H N N 100 
GLN HB2  H N N 101 
GLN HB3  H N N 102 
GLN HG2  H N N 103 
GLN HG3  H N N 104 
GLN HE21 H N N 105 
GLN HE22 H N N 106 
GLN HXT  H N N 107 
GLU N    N N N 108 
GLU CA   C N S 109 
GLU C    C N N 110 
GLU O    O N N 111 
GLU CB   C N N 112 
GLU CG   C N N 113 
GLU CD   C N N 114 
GLU OE1  O N N 115 
GLU OE2  O N N 116 
GLU OXT  O N N 117 
GLU H    H N N 118 
GLU H2   H N N 119 
GLU HA   H N N 120 
GLU HB2  H N N 121 
GLU HB3  H N N 122 
GLU HG2  H N N 123 
GLU HG3  H N N 124 
GLU HE2  H N N 125 
GLU HXT  H N N 126 
GLY N    N N N 127 
GLY CA   C N N 128 
GLY C    C N N 129 
GLY O    O N N 130 
GLY OXT  O N N 131 
GLY H    H N N 132 
GLY H2   H N N 133 
GLY HA2  H N N 134 
GLY HA3  H N N 135 
GLY HXT  H N N 136 
HIS N    N N N 137 
HIS CA   C N S 138 
HIS C    C N N 139 
HIS O    O N N 140 
HIS CB   C N N 141 
HIS CG   C Y N 142 
HIS ND1  N Y N 143 
HIS CD2  C Y N 144 
HIS CE1  C Y N 145 
HIS NE2  N Y N 146 
HIS OXT  O N N 147 
HIS H    H N N 148 
HIS H2   H N N 149 
HIS HA   H N N 150 
HIS HB2  H N N 151 
HIS HB3  H N N 152 
HIS HD1  H N N 153 
HIS HD2  H N N 154 
HIS HE1  H N N 155 
HIS HE2  H N N 156 
HIS HXT  H N N 157 
HOH O    O N N 158 
HOH H1   H N N 159 
HOH H2   H N N 160 
ILE N    N N N 161 
ILE CA   C N S 162 
ILE C    C N N 163 
ILE O    O N N 164 
ILE CB   C N S 165 
ILE CG1  C N N 166 
ILE CG2  C N N 167 
ILE CD1  C N N 168 
ILE OXT  O N N 169 
ILE H    H N N 170 
ILE H2   H N N 171 
ILE HA   H N N 172 
ILE HB   H N N 173 
ILE HG12 H N N 174 
ILE HG13 H N N 175 
ILE HG21 H N N 176 
ILE HG22 H N N 177 
ILE HG23 H N N 178 
ILE HD11 H N N 179 
ILE HD12 H N N 180 
ILE HD13 H N N 181 
ILE HXT  H N N 182 
LEU N    N N N 183 
LEU CA   C N S 184 
LEU C    C N N 185 
LEU O    O N N 186 
LEU CB   C N N 187 
LEU CG   C N N 188 
LEU CD1  C N N 189 
LEU CD2  C N N 190 
LEU OXT  O N N 191 
LEU H    H N N 192 
LEU H2   H N N 193 
LEU HA   H N N 194 
LEU HB2  H N N 195 
LEU HB3  H N N 196 
LEU HG   H N N 197 
LEU HD11 H N N 198 
LEU HD12 H N N 199 
LEU HD13 H N N 200 
LEU HD21 H N N 201 
LEU HD22 H N N 202 
LEU HD23 H N N 203 
LEU HXT  H N N 204 
LYS N    N N N 205 
LYS CA   C N S 206 
LYS C    C N N 207 
LYS O    O N N 208 
LYS CB   C N N 209 
LYS CG   C N N 210 
LYS CD   C N N 211 
LYS CE   C N N 212 
LYS NZ   N N N 213 
LYS OXT  O N N 214 
LYS H    H N N 215 
LYS H2   H N N 216 
LYS HA   H N N 217 
LYS HB2  H N N 218 
LYS HB3  H N N 219 
LYS HG2  H N N 220 
LYS HG3  H N N 221 
LYS HD2  H N N 222 
LYS HD3  H N N 223 
LYS HE2  H N N 224 
LYS HE3  H N N 225 
LYS HZ1  H N N 226 
LYS HZ2  H N N 227 
LYS HZ3  H N N 228 
LYS HXT  H N N 229 
MET N    N N N 230 
MET CA   C N S 231 
MET C    C N N 232 
MET O    O N N 233 
MET CB   C N N 234 
MET CG   C N N 235 
MET SD   S N N 236 
MET CE   C N N 237 
MET OXT  O N N 238 
MET H    H N N 239 
MET H2   H N N 240 
MET HA   H N N 241 
MET HB2  H N N 242 
MET HB3  H N N 243 
MET HG2  H N N 244 
MET HG3  H N N 245 
MET HE1  H N N 246 
MET HE2  H N N 247 
MET HE3  H N N 248 
MET HXT  H N N 249 
PHE N    N N N 250 
PHE CA   C N S 251 
PHE C    C N N 252 
PHE O    O N N 253 
PHE CB   C N N 254 
PHE CG   C Y N 255 
PHE CD1  C Y N 256 
PHE CD2  C Y N 257 
PHE CE1  C Y N 258 
PHE CE2  C Y N 259 
PHE CZ   C Y N 260 
PHE OXT  O N N 261 
PHE H    H N N 262 
PHE H2   H N N 263 
PHE HA   H N N 264 
PHE HB2  H N N 265 
PHE HB3  H N N 266 
PHE HD1  H N N 267 
PHE HD2  H N N 268 
PHE HE1  H N N 269 
PHE HE2  H N N 270 
PHE HZ   H N N 271 
PHE HXT  H N N 272 
PRO N    N N N 273 
PRO CA   C N S 274 
PRO C    C N N 275 
PRO O    O N N 276 
PRO CB   C N N 277 
PRO CG   C N N 278 
PRO CD   C N N 279 
PRO OXT  O N N 280 
PRO H    H N N 281 
PRO HA   H N N 282 
PRO HB2  H N N 283 
PRO HB3  H N N 284 
PRO HG2  H N N 285 
PRO HG3  H N N 286 
PRO HD2  H N N 287 
PRO HD3  H N N 288 
PRO HXT  H N N 289 
SER N    N N N 290 
SER CA   C N S 291 
SER C    C N N 292 
SER O    O N N 293 
SER CB   C N N 294 
SER OG   O N N 295 
SER OXT  O N N 296 
SER H    H N N 297 
SER H2   H N N 298 
SER HA   H N N 299 
SER HB2  H N N 300 
SER HB3  H N N 301 
SER HG   H N N 302 
SER HXT  H N N 303 
THR N    N N N 304 
THR CA   C N S 305 
THR C    C N N 306 
THR O    O N N 307 
THR CB   C N R 308 
THR OG1  O N N 309 
THR CG2  C N N 310 
THR OXT  O N N 311 
THR H    H N N 312 
THR H2   H N N 313 
THR HA   H N N 314 
THR HB   H N N 315 
THR HG1  H N N 316 
THR HG21 H N N 317 
THR HG22 H N N 318 
THR HG23 H N N 319 
THR HXT  H N N 320 
TRP N    N N N 321 
TRP CA   C N S 322 
TRP C    C N N 323 
TRP O    O N N 324 
TRP CB   C N N 325 
TRP CG   C Y N 326 
TRP CD1  C Y N 327 
TRP CD2  C Y N 328 
TRP NE1  N Y N 329 
TRP CE2  C Y N 330 
TRP CE3  C Y N 331 
TRP CZ2  C Y N 332 
TRP CZ3  C Y N 333 
TRP CH2  C Y N 334 
TRP OXT  O N N 335 
TRP H    H N N 336 
TRP H2   H N N 337 
TRP HA   H N N 338 
TRP HB2  H N N 339 
TRP HB3  H N N 340 
TRP HD1  H N N 341 
TRP HE1  H N N 342 
TRP HE3  H N N 343 
TRP HZ2  H N N 344 
TRP HZ3  H N N 345 
TRP HH2  H N N 346 
TRP HXT  H N N 347 
TYR N    N N N 348 
TYR CA   C N S 349 
TYR C    C N N 350 
TYR O    O N N 351 
TYR CB   C N N 352 
TYR CG   C Y N 353 
TYR CD1  C Y N 354 
TYR CD2  C Y N 355 
TYR CE1  C Y N 356 
TYR CE2  C Y N 357 
TYR CZ   C Y N 358 
TYR OH   O N N 359 
TYR OXT  O N N 360 
TYR H    H N N 361 
TYR H2   H N N 362 
TYR HA   H N N 363 
TYR HB2  H N N 364 
TYR HB3  H N N 365 
TYR HD1  H N N 366 
TYR HD2  H N N 367 
TYR HE1  H N N 368 
TYR HE2  H N N 369 
TYR HH   H N N 370 
TYR HXT  H N N 371 
VAL N    N N N 372 
VAL CA   C N S 373 
VAL C    C N N 374 
VAL O    O N N 375 
VAL CB   C N N 376 
VAL CG1  C N N 377 
VAL CG2  C N N 378 
VAL OXT  O N N 379 
VAL H    H N N 380 
VAL H2   H N N 381 
VAL HA   H N N 382 
VAL HB   H N N 383 
VAL HG11 H N N 384 
VAL HG12 H N N 385 
VAL HG13 H N N 386 
VAL HG21 H N N 387 
VAL HG22 H N N 388 
VAL HG23 H N N 389 
VAL HXT  H N N 390 
# 
loop_
_chem_comp_bond.comp_id 
_chem_comp_bond.atom_id_1 
_chem_comp_bond.atom_id_2 
_chem_comp_bond.value_order 
_chem_comp_bond.pdbx_aromatic_flag 
_chem_comp_bond.pdbx_stereo_config 
_chem_comp_bond.pdbx_ordinal 
ALA N   CA   sing N N 1   
ALA N   H    sing N N 2   
ALA N   H2   sing N N 3   
ALA CA  C    sing N N 4   
ALA CA  CB   sing N N 5   
ALA CA  HA   sing N N 6   
ALA C   O    doub N N 7   
ALA C   OXT  sing N N 8   
ALA CB  HB1  sing N N 9   
ALA CB  HB2  sing N N 10  
ALA CB  HB3  sing N N 11  
ALA OXT HXT  sing N N 12  
ARG N   CA   sing N N 13  
ARG N   H    sing N N 14  
ARG N   H2   sing N N 15  
ARG CA  C    sing N N 16  
ARG CA  CB   sing N N 17  
ARG CA  HA   sing N N 18  
ARG C   O    doub N N 19  
ARG C   OXT  sing N N 20  
ARG CB  CG   sing N N 21  
ARG CB  HB2  sing N N 22  
ARG CB  HB3  sing N N 23  
ARG CG  CD   sing N N 24  
ARG CG  HG2  sing N N 25  
ARG CG  HG3  sing N N 26  
ARG CD  NE   sing N N 27  
ARG CD  HD2  sing N N 28  
ARG CD  HD3  sing N N 29  
ARG NE  CZ   sing N N 30  
ARG NE  HE   sing N N 31  
ARG CZ  NH1  sing N N 32  
ARG CZ  NH2  doub N N 33  
ARG NH1 HH11 sing N N 34  
ARG NH1 HH12 sing N N 35  
ARG NH2 HH21 sing N N 36  
ARG NH2 HH22 sing N N 37  
ARG OXT HXT  sing N N 38  
ASN N   CA   sing N N 39  
ASN N   H    sing N N 40  
ASN N   H2   sing N N 41  
ASN CA  C    sing N N 42  
ASN CA  CB   sing N N 43  
ASN CA  HA   sing N N 44  
ASN C   O    doub N N 45  
ASN C   OXT  sing N N 46  
ASN CB  CG   sing N N 47  
ASN CB  HB2  sing N N 48  
ASN CB  HB3  sing N N 49  
ASN CG  OD1  doub N N 50  
ASN CG  ND2  sing N N 51  
ASN ND2 HD21 sing N N 52  
ASN ND2 HD22 sing N N 53  
ASN OXT HXT  sing N N 54  
ASP N   CA   sing N N 55  
ASP N   H    sing N N 56  
ASP N   H2   sing N N 57  
ASP CA  C    sing N N 58  
ASP CA  CB   sing N N 59  
ASP CA  HA   sing N N 60  
ASP C   O    doub N N 61  
ASP C   OXT  sing N N 62  
ASP CB  CG   sing N N 63  
ASP CB  HB2  sing N N 64  
ASP CB  HB3  sing N N 65  
ASP CG  OD1  doub N N 66  
ASP CG  OD2  sing N N 67  
ASP OD2 HD2  sing N N 68  
ASP OXT HXT  sing N N 69  
CYS N   CA   sing N N 70  
CYS N   H    sing N N 71  
CYS N   H2   sing N N 72  
CYS CA  C    sing N N 73  
CYS CA  CB   sing N N 74  
CYS CA  HA   sing N N 75  
CYS C   O    doub N N 76  
CYS C   OXT  sing N N 77  
CYS CB  SG   sing N N 78  
CYS CB  HB2  sing N N 79  
CYS CB  HB3  sing N N 80  
CYS SG  HG   sing N N 81  
CYS OXT HXT  sing N N 82  
GLN N   CA   sing N N 83  
GLN N   H    sing N N 84  
GLN N   H2   sing N N 85  
GLN CA  C    sing N N 86  
GLN CA  CB   sing N N 87  
GLN CA  HA   sing N N 88  
GLN C   O    doub N N 89  
GLN C   OXT  sing N N 90  
GLN CB  CG   sing N N 91  
GLN CB  HB2  sing N N 92  
GLN CB  HB3  sing N N 93  
GLN CG  CD   sing N N 94  
GLN CG  HG2  sing N N 95  
GLN CG  HG3  sing N N 96  
GLN CD  OE1  doub N N 97  
GLN CD  NE2  sing N N 98  
GLN NE2 HE21 sing N N 99  
GLN NE2 HE22 sing N N 100 
GLN OXT HXT  sing N N 101 
GLU N   CA   sing N N 102 
GLU N   H    sing N N 103 
GLU N   H2   sing N N 104 
GLU CA  C    sing N N 105 
GLU CA  CB   sing N N 106 
GLU CA  HA   sing N N 107 
GLU C   O    doub N N 108 
GLU C   OXT  sing N N 109 
GLU CB  CG   sing N N 110 
GLU CB  HB2  sing N N 111 
GLU CB  HB3  sing N N 112 
GLU CG  CD   sing N N 113 
GLU CG  HG2  sing N N 114 
GLU CG  HG3  sing N N 115 
GLU CD  OE1  doub N N 116 
GLU CD  OE2  sing N N 117 
GLU OE2 HE2  sing N N 118 
GLU OXT HXT  sing N N 119 
GLY N   CA   sing N N 120 
GLY N   H    sing N N 121 
GLY N   H2   sing N N 122 
GLY CA  C    sing N N 123 
GLY CA  HA2  sing N N 124 
GLY CA  HA3  sing N N 125 
GLY C   O    doub N N 126 
GLY C   OXT  sing N N 127 
GLY OXT HXT  sing N N 128 
HIS N   CA   sing N N 129 
HIS N   H    sing N N 130 
HIS N   H2   sing N N 131 
HIS CA  C    sing N N 132 
HIS CA  CB   sing N N 133 
HIS CA  HA   sing N N 134 
HIS C   O    doub N N 135 
HIS C   OXT  sing N N 136 
HIS CB  CG   sing N N 137 
HIS CB  HB2  sing N N 138 
HIS CB  HB3  sing N N 139 
HIS CG  ND1  sing Y N 140 
HIS CG  CD2  doub Y N 141 
HIS ND1 CE1  doub Y N 142 
HIS ND1 HD1  sing N N 143 
HIS CD2 NE2  sing Y N 144 
HIS CD2 HD2  sing N N 145 
HIS CE1 NE2  sing Y N 146 
HIS CE1 HE1  sing N N 147 
HIS NE2 HE2  sing N N 148 
HIS OXT HXT  sing N N 149 
HOH O   H1   sing N N 150 
HOH O   H2   sing N N 151 
ILE N   CA   sing N N 152 
ILE N   H    sing N N 153 
ILE N   H2   sing N N 154 
ILE CA  C    sing N N 155 
ILE CA  CB   sing N N 156 
ILE CA  HA   sing N N 157 
ILE C   O    doub N N 158 
ILE C   OXT  sing N N 159 
ILE CB  CG1  sing N N 160 
ILE CB  CG2  sing N N 161 
ILE CB  HB   sing N N 162 
ILE CG1 CD1  sing N N 163 
ILE CG1 HG12 sing N N 164 
ILE CG1 HG13 sing N N 165 
ILE CG2 HG21 sing N N 166 
ILE CG2 HG22 sing N N 167 
ILE CG2 HG23 sing N N 168 
ILE CD1 HD11 sing N N 169 
ILE CD1 HD12 sing N N 170 
ILE CD1 HD13 sing N N 171 
ILE OXT HXT  sing N N 172 
LEU N   CA   sing N N 173 
LEU N   H    sing N N 174 
LEU N   H2   sing N N 175 
LEU CA  C    sing N N 176 
LEU CA  CB   sing N N 177 
LEU CA  HA   sing N N 178 
LEU C   O    doub N N 179 
LEU C   OXT  sing N N 180 
LEU CB  CG   sing N N 181 
LEU CB  HB2  sing N N 182 
LEU CB  HB3  sing N N 183 
LEU CG  CD1  sing N N 184 
LEU CG  CD2  sing N N 185 
LEU CG  HG   sing N N 186 
LEU CD1 HD11 sing N N 187 
LEU CD1 HD12 sing N N 188 
LEU CD1 HD13 sing N N 189 
LEU CD2 HD21 sing N N 190 
LEU CD2 HD22 sing N N 191 
LEU CD2 HD23 sing N N 192 
LEU OXT HXT  sing N N 193 
LYS N   CA   sing N N 194 
LYS N   H    sing N N 195 
LYS N   H2   sing N N 196 
LYS CA  C    sing N N 197 
LYS CA  CB   sing N N 198 
LYS CA  HA   sing N N 199 
LYS C   O    doub N N 200 
LYS C   OXT  sing N N 201 
LYS CB  CG   sing N N 202 
LYS CB  HB2  sing N N 203 
LYS CB  HB3  sing N N 204 
LYS CG  CD   sing N N 205 
LYS CG  HG2  sing N N 206 
LYS CG  HG3  sing N N 207 
LYS CD  CE   sing N N 208 
LYS CD  HD2  sing N N 209 
LYS CD  HD3  sing N N 210 
LYS CE  NZ   sing N N 211 
LYS CE  HE2  sing N N 212 
LYS CE  HE3  sing N N 213 
LYS NZ  HZ1  sing N N 214 
LYS NZ  HZ2  sing N N 215 
LYS NZ  HZ3  sing N N 216 
LYS OXT HXT  sing N N 217 
MET N   CA   sing N N 218 
MET N   H    sing N N 219 
MET N   H2   sing N N 220 
MET CA  C    sing N N 221 
MET CA  CB   sing N N 222 
MET CA  HA   sing N N 223 
MET C   O    doub N N 224 
MET C   OXT  sing N N 225 
MET CB  CG   sing N N 226 
MET CB  HB2  sing N N 227 
MET CB  HB3  sing N N 228 
MET CG  SD   sing N N 229 
MET CG  HG2  sing N N 230 
MET CG  HG3  sing N N 231 
MET SD  CE   sing N N 232 
MET CE  HE1  sing N N 233 
MET CE  HE2  sing N N 234 
MET CE  HE3  sing N N 235 
MET OXT HXT  sing N N 236 
PHE N   CA   sing N N 237 
PHE N   H    sing N N 238 
PHE N   H2   sing N N 239 
PHE CA  C    sing N N 240 
PHE CA  CB   sing N N 241 
PHE CA  HA   sing N N 242 
PHE C   O    doub N N 243 
PHE C   OXT  sing N N 244 
PHE CB  CG   sing N N 245 
PHE CB  HB2  sing N N 246 
PHE CB  HB3  sing N N 247 
PHE CG  CD1  doub Y N 248 
PHE CG  CD2  sing Y N 249 
PHE CD1 CE1  sing Y N 250 
PHE CD1 HD1  sing N N 251 
PHE CD2 CE2  doub Y N 252 
PHE CD2 HD2  sing N N 253 
PHE CE1 CZ   doub Y N 254 
PHE CE1 HE1  sing N N 255 
PHE CE2 CZ   sing Y N 256 
PHE CE2 HE2  sing N N 257 
PHE CZ  HZ   sing N N 258 
PHE OXT HXT  sing N N 259 
PRO N   CA   sing N N 260 
PRO N   CD   sing N N 261 
PRO N   H    sing N N 262 
PRO CA  C    sing N N 263 
PRO CA  CB   sing N N 264 
PRO CA  HA   sing N N 265 
PRO C   O    doub N N 266 
PRO C   OXT  sing N N 267 
PRO CB  CG   sing N N 268 
PRO CB  HB2  sing N N 269 
PRO CB  HB3  sing N N 270 
PRO CG  CD   sing N N 271 
PRO CG  HG2  sing N N 272 
PRO CG  HG3  sing N N 273 
PRO CD  HD2  sing N N 274 
PRO CD  HD3  sing N N 275 
PRO OXT HXT  sing N N 276 
SER N   CA   sing N N 277 
SER N   H    sing N N 278 
SER N   H2   sing N N 279 
SER CA  C    sing N N 280 
SER CA  CB   sing N N 281 
SER CA  HA   sing N N 282 
SER C   O    doub N N 283 
SER C   OXT  sing N N 284 
SER CB  OG   sing N N 285 
SER CB  HB2  sing N N 286 
SER CB  HB3  sing N N 287 
SER OG  HG   sing N N 288 
SER OXT HXT  sing N N 289 
THR N   CA   sing N N 290 
THR N   H    sing N N 291 
THR N   H2   sing N N 292 
THR CA  C    sing N N 293 
THR CA  CB   sing N N 294 
THR CA  HA   sing N N 295 
THR C   O    doub N N 296 
THR C   OXT  sing N N 297 
THR CB  OG1  sing N N 298 
THR CB  CG2  sing N N 299 
THR CB  HB   sing N N 300 
THR OG1 HG1  sing N N 301 
THR CG2 HG21 sing N N 302 
THR CG2 HG22 sing N N 303 
THR CG2 HG23 sing N N 304 
THR OXT HXT  sing N N 305 
TRP N   CA   sing N N 306 
TRP N   H    sing N N 307 
TRP N   H2   sing N N 308 
TRP CA  C    sing N N 309 
TRP CA  CB   sing N N 310 
TRP CA  HA   sing N N 311 
TRP C   O    doub N N 312 
TRP C   OXT  sing N N 313 
TRP CB  CG   sing N N 314 
TRP CB  HB2  sing N N 315 
TRP CB  HB3  sing N N 316 
TRP CG  CD1  doub Y N 317 
TRP CG  CD2  sing Y N 318 
TRP CD1 NE1  sing Y N 319 
TRP CD1 HD1  sing N N 320 
TRP CD2 CE2  doub Y N 321 
TRP CD2 CE3  sing Y N 322 
TRP NE1 CE2  sing Y N 323 
TRP NE1 HE1  sing N N 324 
TRP CE2 CZ2  sing Y N 325 
TRP CE3 CZ3  doub Y N 326 
TRP CE3 HE3  sing N N 327 
TRP CZ2 CH2  doub Y N 328 
TRP CZ2 HZ2  sing N N 329 
TRP CZ3 CH2  sing Y N 330 
TRP CZ3 HZ3  sing N N 331 
TRP CH2 HH2  sing N N 332 
TRP OXT HXT  sing N N 333 
TYR N   CA   sing N N 334 
TYR N   H    sing N N 335 
TYR N   H2   sing N N 336 
TYR CA  C    sing N N 337 
TYR CA  CB   sing N N 338 
TYR CA  HA   sing N N 339 
TYR C   O    doub N N 340 
TYR C   OXT  sing N N 341 
TYR CB  CG   sing N N 342 
TYR CB  HB2  sing N N 343 
TYR CB  HB3  sing N N 344 
TYR CG  CD1  doub Y N 345 
TYR CG  CD2  sing Y N 346 
TYR CD1 CE1  sing Y N 347 
TYR CD1 HD1  sing N N 348 
TYR CD2 CE2  doub Y N 349 
TYR CD2 HD2  sing N N 350 
TYR CE1 CZ   doub Y N 351 
TYR CE1 HE1  sing N N 352 
TYR CE2 CZ   sing Y N 353 
TYR CE2 HE2  sing N N 354 
TYR CZ  OH   sing N N 355 
TYR OH  HH   sing N N 356 
TYR OXT HXT  sing N N 357 
VAL N   CA   sing N N 358 
VAL N   H    sing N N 359 
VAL N   H2   sing N N 360 
VAL CA  C    sing N N 361 
VAL CA  CB   sing N N 362 
VAL CA  HA   sing N N 363 
VAL C   O    doub N N 364 
VAL C   OXT  sing N N 365 
VAL CB  CG1  sing N N 366 
VAL CB  CG2  sing N N 367 
VAL CB  HB   sing N N 368 
VAL CG1 HG11 sing N N 369 
VAL CG1 HG12 sing N N 370 
VAL CG1 HG13 sing N N 371 
VAL CG2 HG21 sing N N 372 
VAL CG2 HG22 sing N N 373 
VAL CG2 HG23 sing N N 374 
VAL OXT HXT  sing N N 375 
# 
_pdbx_initial_refinement_model.id               1 
_pdbx_initial_refinement_model.entity_id_list   ? 
_pdbx_initial_refinement_model.type             'experimental model' 
_pdbx_initial_refinement_model.source_name      PDB 
_pdbx_initial_refinement_model.accession_code   3RJD 
_pdbx_initial_refinement_model.details          'PDB entry 3RJD' 
# 
_atom_sites.entry_id                    4HWN 
_atom_sites.fract_transf_matrix[1][1]   0.00356272 
_atom_sites.fract_transf_matrix[1][2]   -0.03133399 
_atom_sites.fract_transf_matrix[1][3]   0.00573437 
_atom_sites.fract_transf_matrix[2][1]   -0.01250794 
_atom_sites.fract_transf_matrix[2][2]   -0.00591009 
_atom_sites.fract_transf_matrix[2][3]   -0.02452310 
_atom_sites.fract_transf_matrix[3][1]   0.01203245 
_atom_sites.fract_transf_matrix[3][2]   0.00023462 
_atom_sites.fract_transf_matrix[3][3]   -0.00619366 
_atom_sites.fract_transf_vector[1]      -0.103254 
_atom_sites.fract_transf_vector[2]      0.048194 
_atom_sites.fract_transf_vector[3]      -0.172294 
# 
loop_
_atom_type.symbol 
C 
N 
O 
S 
# 
loop_
_atom_site.group_PDB 
_atom_site.id 
_atom_site.type_symbol 
_atom_site.label_atom_id 
_atom_site.label_alt_id 
_atom_site.label_comp_id 
_atom_site.label_asym_id 
_atom_site.label_entity_id 
_atom_site.label_seq_id 
_atom_site.pdbx_PDB_ins_code 
_atom_site.Cartn_x 
_atom_site.Cartn_y 
_atom_site.Cartn_z 
_atom_site.occupancy 
_atom_site.B_iso_or_equiv 
_atom_site.pdbx_formal_charge 
_atom_site.auth_seq_id 
_atom_site.auth_comp_id 
_atom_site.auth_asym_id 
_atom_site.auth_atom_id 
_atom_site.pdbx_PDB_model_num 
ATOM   1   N N   . PHE A 1 6  ? -17.934 5.952   7.367   1.00 57.72 ? 186 PHE A N   1 
ATOM   2   C CA  . PHE A 1 6  ? -16.706 5.888   6.577   1.00 64.55 ? 186 PHE A CA  1 
ATOM   3   C C   . PHE A 1 6  ? -15.625 5.015   7.222   1.00 76.47 ? 186 PHE A C   1 
ATOM   4   O O   . PHE A 1 6  ? -14.894 5.482   8.105   1.00 73.21 ? 186 PHE A O   1 
ATOM   5   C CB  . PHE A 1 6  ? -16.146 7.289   6.355   1.00 62.95 ? 186 PHE A CB  1 
ATOM   6   C CG  . PHE A 1 6  ? -14.793 7.293   5.723   1.00 59.47 ? 186 PHE A CG  1 
ATOM   7   C CD1 . PHE A 1 6  ? -14.577 6.626   4.523   1.00 50.78 ? 186 PHE A CD1 1 
ATOM   8   C CD2 . PHE A 1 6  ? -13.734 7.948   6.324   1.00 53.67 ? 186 PHE A CD2 1 
ATOM   9   C CE1 . PHE A 1 6  ? -13.328 6.625   3.930   1.00 57.99 ? 186 PHE A CE1 1 
ATOM   10  C CE2 . PHE A 1 6  ? -12.480 7.943   5.738   1.00 50.01 ? 186 PHE A CE2 1 
ATOM   11  C CZ  . PHE A 1 6  ? -12.273 7.284   4.541   1.00 46.59 ? 186 PHE A CZ  1 
ATOM   12  N N   . PRO A 1 7  ? -15.492 3.760   6.749   1.00 68.13 ? 187 PRO A N   1 
ATOM   13  C CA  . PRO A 1 7  ? -14.695 2.714   7.409   1.00 62.67 ? 187 PRO A CA  1 
ATOM   14  C C   . PRO A 1 7  ? -13.191 2.789   7.146   1.00 40.76 ? 187 PRO A C   1 
ATOM   15  O O   . PRO A 1 7  ? -12.724 3.580   6.318   1.00 34.80 ? 187 PRO A O   1 
ATOM   16  C CB  . PRO A 1 7  ? -15.249 1.431   6.787   1.00 61.90 ? 187 PRO A CB  1 
ATOM   17  C CG  . PRO A 1 7  ? -15.598 1.847   5.387   1.00 53.99 ? 187 PRO A CG  1 
ATOM   18  C CD  . PRO A 1 7  ? -16.093 3.277   5.491   1.00 55.99 ? 187 PRO A CD  1 
ATOM   19  N N   . ALA A 1 8  ? -12.447 1.948   7.858   1.00 30.86 ? 188 ALA A N   1 
ATOM   20  C CA  . ALA A 1 8  ? -11.007 1.822   7.653   1.00 26.55 ? 188 ALA A CA  1 
ATOM   21  C C   . ALA A 1 8  ? -10.692 1.244   6.280   1.00 22.96 ? 188 ALA A C   1 
ATOM   22  O O   . ALA A 1 8  ? -11.320 0.277   5.852   1.00 19.19 ? 188 ALA A O   1 
ATOM   23  C CB  . ALA A 1 8  ? -10.381 0.940   8.731   1.00 24.78 ? 188 ALA A CB  1 
ATOM   24  N N   . PRO A 1 9  ? -9.707  1.834   5.592   1.00 15.63 ? 189 PRO A N   1 
ATOM   25  C CA  . PRO A 1 9  ? -9.220  1.322   4.312   1.00 16.66 ? 189 PRO A CA  1 
ATOM   26  C C   . PRO A 1 9  ? -8.797  -0.152  4.373   1.00 19.94 ? 189 PRO A C   1 
ATOM   27  O O   . PRO A 1 9  ? -8.372  -0.647  5.420   1.00 14.73 ? 189 PRO A O   1 
ATOM   28  C CB  . PRO A 1 9  ? -8.017  2.226   4.009   1.00 11.45 ? 189 PRO A CB  1 
ATOM   29  C CG  . PRO A 1 9  ? -7.746  2.996   5.287   1.00 12.75 ? 189 PRO A CG  1 
ATOM   30  C CD  . PRO A 1 9  ? -9.073  3.112   5.944   1.00 19.49 ? 189 PRO A CD  1 
ATOM   31  N N   . ILE A 1 10 ? -8.952  -0.853  3.253   1.00 18.60 ? 190 ILE A N   1 
ATOM   32  C CA  . ILE A 1 10 ? -8.416  -2.202  3.116   1.00 13.82 ? 190 ILE A CA  1 
ATOM   33  C C   . ILE A 1 10 ? -7.244  -2.113  2.154   1.00 14.37 ? 190 ILE A C   1 
ATOM   34  O O   . ILE A 1 10 ? -7.372  -1.551  1.062   1.00 15.22 ? 190 ILE A O   1 
ATOM   35  C CB  . ILE A 1 10 ? -9.473  -3.178  2.550   1.00 17.16 ? 190 ILE A CB  1 
ATOM   36  C CG1 . ILE A 1 10 ? -10.708 -3.232  3.457   1.00 25.55 ? 190 ILE A CG1 1 
ATOM   37  C CG2 . ILE A 1 10 ? -8.882  -4.574  2.351   1.00 15.52 ? 190 ILE A CG2 1 
ATOM   38  C CD1 . ILE A 1 10 ? -12.039 -3.232  2.687   1.00 25.76 ? 190 ILE A CD1 1 
ATOM   39  N N   . LEU A 1 11 ? -6.093  -2.636  2.557   1.00 14.91 ? 191 LEU A N   1 
ATOM   40  C CA  . LEU A 1 11 ? -4.950  -2.661  1.648   1.00 16.10 ? 191 LEU A CA  1 
ATOM   41  C C   . LEU A 1 11 ? -4.933  -3.987  0.886   1.00 18.56 ? 191 LEU A C   1 
ATOM   42  O O   . LEU A 1 11 ? -4.844  -5.053  1.494   1.00 12.28 ? 191 LEU A O   1 
ATOM   43  C CB  . LEU A 1 11 ? -3.645  -2.465  2.413   1.00 10.34 ? 191 LEU A CB  1 
ATOM   44  C CG  . LEU A 1 11 ? -2.378  -2.407  1.555   1.00 11.45 ? 191 LEU A CG  1 
ATOM   45  C CD1 . LEU A 1 11 ? -2.433  -1.220  0.650   1.00 7.89  ? 191 LEU A CD1 1 
ATOM   46  C CD2 . LEU A 1 11 ? -1.144  -2.334  2.436   1.00 10.33 ? 191 LEU A CD2 1 
ATOM   47  N N   . ARG A 1 12 ? -5.025  -3.927  -0.439  1.00 13.23 ? 192 ARG A N   1 
ATOM   48  C CA  . ARG A 1 12 ? -5.040  -5.153  -1.235  1.00 14.97 ? 192 ARG A CA  1 
ATOM   49  C C   . ARG A 1 12 ? -3.839  -5.251  -2.153  1.00 13.01 ? 192 ARG A C   1 
ATOM   50  O O   . ARG A 1 12 ? -3.358  -4.242  -2.674  1.00 13.01 ? 192 ARG A O   1 
ATOM   51  C CB  . ARG A 1 12 ? -6.315  -5.257  -2.081  1.00 19.30 ? 192 ARG A CB  1 
ATOM   52  C CG  . ARG A 1 12 ? -7.645  -5.116  -1.317  1.00 23.88 ? 192 ARG A CG  1 
ATOM   53  C CD  . ARG A 1 12 ? -8.833  -5.296  -2.283  1.00 21.78 ? 192 ARG A CD  1 
ATOM   54  N NE  . ARG A 1 12 ? -8.657  -6.520  -3.051  1.00 18.98 ? 192 ARG A NE  1 
ATOM   55  C CZ  . ARG A 1 12 ? -8.554  -6.570  -4.375  1.00 19.60 ? 192 ARG A CZ  1 
ATOM   56  N NH1 . ARG A 1 12 ? -8.648  -5.462  -5.097  1.00 9.28  ? 192 ARG A NH1 1 
ATOM   57  N NH2 . ARG A 1 12 ? -8.373  -7.741  -4.977  1.00 10.97 ? 192 ARG A NH2 1 
ATOM   58  N N   . ALA A 1 13 ? -3.372  -6.478  -2.365  1.00 7.60  ? 193 ALA A N   1 
ATOM   59  C CA  . ALA A 1 13 ? -2.252  -6.726  -3.260  1.00 12.69 ? 193 ALA A CA  1 
ATOM   60  C C   . ALA A 1 13 ? -2.758  -7.404  -4.525  1.00 12.40 ? 193 ALA A C   1 
ATOM   61  O O   . ALA A 1 13 ? -3.458  -8.417  -4.459  1.00 10.15 ? 193 ALA A O   1 
ATOM   62  C CB  . ALA A 1 13 ? -1.220  -7.589  -2.582  1.00 14.33 ? 193 ALA A CB  1 
ATOM   63  N N   . VAL A 1 14 ? -2.402  -6.839  -5.673  1.00 6.16  ? 194 VAL A N   1 
ATOM   64  C CA  . VAL A 1 14 ? -2.923  -7.293  -6.960  1.00 5.26  ? 194 VAL A CA  1 
ATOM   65  C C   . VAL A 1 14 ? -1.762  -7.526  -7.933  1.00 7.57  ? 194 VAL A C   1 
ATOM   66  O O   . VAL A 1 14 ? -0.973  -6.610  -8.182  1.00 11.15 ? 194 VAL A O   1 
ATOM   67  C CB  . VAL A 1 14 ? -3.917  -6.260  -7.539  1.00 8.76  ? 194 VAL A CB  1 
ATOM   68  C CG1 . VAL A 1 14 ? -4.469  -6.743  -8.864  1.00 13.26 ? 194 VAL A CG1 1 
ATOM   69  C CG2 . VAL A 1 14 ? -5.053  -6.009  -6.565  1.00 13.42 ? 194 VAL A CG2 1 
ATOM   70  N N   . PRO A 1 15 ? -1.646  -8.746  -8.498  1.00 9.73  ? 195 PRO A N   1 
ATOM   71  C CA  . PRO A 1 15 ? -2.597  -9.855  -8.368  1.00 12.71 ? 195 PRO A CA  1 
ATOM   72  C C   . PRO A 1 15 ? -2.555  -10.558 -7.015  1.00 10.09 ? 195 PRO A C   1 
ATOM   73  O O   . PRO A 1 15 ? -3.566  -11.160 -6.656  1.00 9.60  ? 195 PRO A O   1 
ATOM   74  C CB  . PRO A 1 15 ? -2.167  -10.826 -9.481  1.00 10.89 ? 195 PRO A CB  1 
ATOM   75  C CG  . PRO A 1 15 ? -0.719  -10.552 -9.684  1.00 19.09 ? 195 PRO A CG  1 
ATOM   76  C CD  . PRO A 1 15 ? -0.555  -9.063  -9.440  1.00 10.23 ? 195 PRO A CD  1 
ATOM   77  N N   . SER A 1 16 ? -1.446  -10.496 -6.281  1.00 5.06  ? 196 SER A N   1 
ATOM   78  C CA  . SER A 1 16 ? -1.415  -11.149 -4.970  1.00 5.82  ? 196 SER A CA  1 
ATOM   79  C C   . SER A 1 16 ? -0.296  -10.625 -4.116  1.00 8.93  ? 196 SER A C   1 
ATOM   80  O O   . SER A 1 16 ? 0.580   -9.908  -4.609  1.00 10.07 ? 196 SER A O   1 
ATOM   81  C CB  . SER A 1 16 ? -1.263  -12.669 -5.098  1.00 9.87  ? 196 SER A CB  1 
ATOM   82  O OG  . SER A 1 16 ? 0.104   -13.038 -5.150  1.00 12.40 ? 196 SER A OG  1 
ATOM   83  N N   . ALA A 1 17 ? -0.322  -10.996 -2.836  1.00 8.93  ? 197 ALA A N   1 
ATOM   84  C CA  . ALA A 1 17 ? 0.703   -10.583 -1.877  1.00 8.70  ? 197 ALA A CA  1 
ATOM   85  C C   . ALA A 1 17 ? 1.967   -11.421 -2.057  1.00 9.09  ? 197 ALA A C   1 
ATOM   86  O O   . ALA A 1 17 ? 2.932   -11.249 -1.319  1.00 6.10  ? 197 ALA A O   1 
ATOM   87  C CB  . ALA A 1 17 ? 0.182   -10.733 -0.449  1.00 6.57  ? 197 ALA A CB  1 
ATOM   88  N N   . GLU A 1 18 ? 1.949   -12.330 -3.031  1.00 5.90  ? 198 GLU A N   1 
ATOM   89  C CA  . GLU A 1 18 ? 3.089   -13.206 -3.290  1.00 10.16 ? 198 GLU A CA  1 
ATOM   90  C C   . GLU A 1 18 ? 3.493   -13.149 -4.762  1.00 10.42 ? 198 GLU A C   1 
ATOM   91  O O   . GLU A 1 18 ? 3.351   -14.125 -5.485  1.00 11.49 ? 198 GLU A O   1 
ATOM   92  C CB  . GLU A 1 18 ? 2.757   -14.653 -2.881  1.00 11.16 ? 198 GLU A CB  1 
ATOM   93  C CG  . GLU A 1 18 ? 2.528   -14.823 -1.363  1.00 13.54 ? 198 GLU A CG  1 
ATOM   94  C CD  . GLU A 1 18 ? 2.274   -16.260 -0.942  1.00 23.10 ? 198 GLU A CD  1 
ATOM   95  O OE1 . GLU A 1 18 ? 2.396   -17.162 -1.801  1.00 18.25 ? 198 GLU A OE1 1 
ATOM   96  O OE2 . GLU A 1 18 ? 1.947   -16.479 0.249   1.00 15.57 ? 198 GLU A OE2 1 
ATOM   97  N N   . PRO A 1 19 ? 4.000   -11.994 -5.209  1.00 8.94  ? 199 PRO A N   1 
ATOM   98  C CA  . PRO A 1 19 ? 4.408   -11.893 -6.611  1.00 9.36  ? 199 PRO A CA  1 
ATOM   99  C C   . PRO A 1 19 ? 5.656   -12.731 -6.825  1.00 12.06 ? 199 PRO A C   1 
ATOM   100 O O   . PRO A 1 19 ? 6.463   -12.819 -5.903  1.00 9.02  ? 199 PRO A O   1 
ATOM   101 C CB  . PRO A 1 19 ? 4.762   -10.406 -6.754  1.00 13.57 ? 199 PRO A CB  1 
ATOM   102 C CG  . PRO A 1 19 ? 5.222   -9.989  -5.384  1.00 11.37 ? 199 PRO A CG  1 
ATOM   103 C CD  . PRO A 1 19 ? 4.348   -10.789 -4.431  1.00 10.55 ? 199 PRO A CD  1 
ATOM   104 N N   . GLN A 1 20 ? 5.811   -13.350 -7.989  1.00 10.91 ? 200 GLN A N   1 
ATOM   105 C CA  . GLN A 1 20 ? 7.087   -13.991 -8.316  1.00 14.50 ? 200 GLN A CA  1 
ATOM   106 C C   . GLN A 1 20 ? 8.138   -12.900 -8.471  1.00 12.43 ? 200 GLN A C   1 
ATOM   107 O O   . GLN A 1 20 ? 7.820   -11.789 -8.905  1.00 13.83 ? 200 GLN A O   1 
ATOM   108 C CB  . GLN A 1 20 ? 6.989   -14.788 -9.621  1.00 13.43 ? 200 GLN A CB  1 
ATOM   109 C CG  . GLN A 1 20 ? 6.024   -15.967 -9.578  1.00 16.07 ? 200 GLN A CG  1 
ATOM   110 C CD  . GLN A 1 20 ? 6.490   -17.055 -8.635  1.00 18.10 ? 200 GLN A CD  1 
ATOM   111 O OE1 . GLN A 1 20 ? 7.671   -17.417 -8.616  1.00 28.25 ? 200 GLN A OE1 1 
ATOM   112 N NE2 . GLN A 1 20 ? 5.568   -17.573 -7.825  1.00 24.23 ? 200 GLN A NE2 1 
ATOM   113 N N   . ALA A 1 21 ? 9.388   -13.196 -8.125  1.00 13.72 ? 201 ALA A N   1 
ATOM   114 C CA  . ALA A 1 21 ? 10.446  -12.183 -8.257  1.00 15.35 ? 201 ALA A CA  1 
ATOM   115 C C   . ALA A 1 21 ? 10.538  -11.688 -9.700  1.00 21.32 ? 201 ALA A C   1 
ATOM   116 O O   . ALA A 1 21 ? 10.494  -12.494 -10.628 1.00 18.01 ? 201 ALA A O   1 
ATOM   117 C CB  . ALA A 1 21 ? 11.793  -12.726 -7.783  1.00 13.01 ? 201 ALA A CB  1 
ATOM   118 N N   . GLY A 1 22 ? 10.627  -10.366 -9.877  1.00 22.44 ? 202 GLY A N   1 
ATOM   119 C CA  . GLY A 1 22 ? 10.755  -9.756  -11.194 1.00 15.10 ? 202 GLY A CA  1 
ATOM   120 C C   . GLY A 1 22 ? 9.434   -9.413  -11.856 1.00 16.95 ? 202 GLY A C   1 
ATOM   121 O O   . GLY A 1 22 ? 9.411   -8.832  -12.945 1.00 17.09 ? 202 GLY A O   1 
ATOM   122 N N   . SER A 1 23 ? 8.326   -9.787  -11.218 1.00 15.11 ? 203 SER A N   1 
ATOM   123 C CA  . SER A 1 23 ? 7.014   -9.566  -11.813 1.00 12.58 ? 203 SER A CA  1 
ATOM   124 C C   . SER A 1 23 ? 6.392   -8.316  -11.192 1.00 13.16 ? 203 SER A C   1 
ATOM   125 O O   . SER A 1 23 ? 6.809   -7.900  -10.116 1.00 11.18 ? 203 SER A O   1 
ATOM   126 C CB  . SER A 1 23 ? 6.126   -10.793 -11.619 1.00 17.92 ? 203 SER A CB  1 
ATOM   127 O OG  . SER A 1 23 ? 5.813   -10.954 -10.251 1.00 27.01 ? 203 SER A OG  1 
ATOM   128 N N   . PRO A 1 24 ? 5.421   -7.684  -11.893 1.00 15.89 ? 204 PRO A N   1 
ATOM   129 C CA  . PRO A 1 24 ? 4.864   -6.434  -11.368 1.00 15.72 ? 204 PRO A CA  1 
ATOM   130 C C   . PRO A 1 24 ? 3.667   -6.699  -10.471 1.00 21.20 ? 204 PRO A C   1 
ATOM   131 O O   . PRO A 1 24 ? 2.954   -7.683  -10.689 1.00 19.64 ? 204 PRO A O   1 
ATOM   132 C CB  . PRO A 1 24 ? 4.424   -5.687  -12.634 1.00 14.67 ? 204 PRO A CB  1 
ATOM   133 C CG  . PRO A 1 24 ? 4.064   -6.780  -13.608 1.00 10.90 ? 204 PRO A CG  1 
ATOM   134 C CD  . PRO A 1 24 ? 4.904   -7.998  -13.240 1.00 16.17 ? 204 PRO A CD  1 
ATOM   135 N N   . MET A 1 25 ? 3.469   -5.857  -9.463  1.00 10.44 ? 205 MET A N   1 
ATOM   136 C CA  . MET A 1 25 ? 2.259   -5.929  -8.648  1.00 12.20 ? 205 MET A CA  1 
ATOM   137 C C   . MET A 1 25 ? 1.869   -4.542  -8.195  1.00 13.36 ? 205 MET A C   1 
ATOM   138 O O   . MET A 1 25 ? 2.689   -3.613  -8.238  1.00 12.28 ? 205 MET A O   1 
ATOM   139 C CB  . MET A 1 25 ? 2.443   -6.840  -7.431  1.00 12.27 ? 205 MET A CB  1 
ATOM   140 C CG  . MET A 1 25 ? 3.507   -6.407  -6.440  1.00 18.79 ? 205 MET A CG  1 
ATOM   141 S SD  . MET A 1 25 ? 3.312   -7.185  -4.808  1.00 27.31 ? 205 MET A SD  1 
ATOM   142 C CE  . MET A 1 25 ? 1.624   -6.748  -4.459  1.00 25.06 ? 205 MET A CE  1 
ATOM   143 N N   . THR A 1 26 ? 0.625   -4.390  -7.756  1.00 7.00  ? 206 THR A N   1 
ATOM   144 C CA  . THR A 1 26 ? 0.190   -3.108  -7.215  1.00 8.96  ? 206 THR A CA  1 
ATOM   145 C C   . THR A 1 26 ? -0.482  -3.280  -5.865  1.00 11.00 ? 206 THR A C   1 
ATOM   146 O O   . THR A 1 26 ? -1.252  -4.223  -5.661  1.00 14.00 ? 206 THR A O   1 
ATOM   147 C CB  . THR A 1 26 ? -0.817  -2.399  -8.149  1.00 13.84 ? 206 THR A CB  1 
ATOM   148 O OG1 . THR A 1 26 ? -0.375  -2.513  -9.502  1.00 26.09 ? 206 THR A OG1 1 
ATOM   149 C CG2 . THR A 1 26 ? -0.929  -0.908  -7.795  1.00 12.46 ? 206 THR A CG2 1 
ATOM   150 N N   A LEU A 1 27 ? -0.173  -2.366  -4.946  0.61 9.69  ? 207 LEU A N   1 
ATOM   151 N N   B LEU A 1 27 ? -0.192  -2.369  -4.941  0.39 9.77  ? 207 LEU A N   1 
ATOM   152 C CA  A LEU A 1 27 ? -0.887  -2.243  -3.684  0.61 10.35 ? 207 LEU A CA  1 
ATOM   153 C CA  B LEU A 1 27 ? -0.931  -2.301  -3.690  0.39 10.30 ? 207 LEU A CA  1 
ATOM   154 C C   A LEU A 1 27 ? -2.020  -1.240  -3.883  0.61 12.97 ? 207 LEU A C   1 
ATOM   155 C C   B LEU A 1 27 ? -2.007  -1.236  -3.831  0.39 12.93 ? 207 LEU A C   1 
ATOM   156 O O   A LEU A 1 27 ? -1.817  -0.173  -4.473  0.61 12.08 ? 207 LEU A O   1 
ATOM   157 O O   B LEU A 1 27 ? -1.751  -0.131  -4.316  0.39 12.19 ? 207 LEU A O   1 
ATOM   158 C CB  A LEU A 1 27 ? 0.064   -1.771  -2.570  0.61 10.68 ? 207 LEU A CB  1 
ATOM   159 C CB  B LEU A 1 27 ? -0.010  -1.988  -2.502  0.39 10.77 ? 207 LEU A CB  1 
ATOM   160 C CG  A LEU A 1 27 ? 0.747   -2.810  -1.668  0.61 15.02 ? 207 LEU A CG  1 
ATOM   161 C CG  B LEU A 1 27 ? 0.889   -3.103  -1.955  0.39 13.76 ? 207 LEU A CG  1 
ATOM   162 C CD1 A LEU A 1 27 ? 1.088   -4.067  -2.415  0.61 12.64 ? 207 LEU A CD1 1 
ATOM   163 C CD1 B LEU A 1 27 ? 0.093   -4.352  -1.663  0.39 7.52  ? 207 LEU A CD1 1 
ATOM   164 C CD2 A LEU A 1 27 ? 1.990   -2.245  -1.013  0.61 8.62  ? 207 LEU A CD2 1 
ATOM   165 C CD2 B LEU A 1 27 ? 2.000   -3.438  -2.912  0.39 13.42 ? 207 LEU A CD2 1 
ATOM   166 N N   . SER A 1 28 ? -3.217  -1.583  -3.413  1.00 12.75 ? 208 SER A N   1 
ATOM   167 C CA  . SER A 1 28 ? -4.373  -0.706  -3.569  1.00 12.01 ? 208 SER A CA  1 
ATOM   168 C C   . SER A 1 28 ? -4.953  -0.320  -2.201  1.00 16.23 ? 208 SER A C   1 
ATOM   169 O O   . SER A 1 28 ? -5.319  -1.199  -1.400  1.00 12.72 ? 208 SER A O   1 
ATOM   170 C CB  . SER A 1 28 ? -5.426  -1.430  -4.427  1.00 14.44 ? 208 SER A CB  1 
ATOM   171 O OG  . SER A 1 28 ? -6.655  -0.736  -4.451  1.00 29.37 ? 208 SER A OG  1 
ATOM   172 N N   . CYS A 1 29 ? -5.035  0.982   -1.926  1.00 10.44 ? 209 CYS A N   1 
ATOM   173 C CA  . CYS A 1 29 ? -5.670  1.442   -0.696  1.00 10.29 ? 209 CYS A CA  1 
ATOM   174 C C   . CYS A 1 29 ? -7.147  1.637   -0.980  1.00 16.32 ? 209 CYS A C   1 
ATOM   175 O O   . CYS A 1 29 ? -7.554  2.645   -1.553  1.00 15.12 ? 209 CYS A O   1 
ATOM   176 C CB  . CYS A 1 29 ? -5.041  2.734   -0.173  1.00 12.57 ? 209 CYS A CB  1 
ATOM   177 S SG  . CYS A 1 29 ? -5.442  3.058   1.572   1.00 16.53 ? 209 CYS A SG  1 
ATOM   178 N N   A GLN A 1 30 ? -7.940  0.654   -0.568  0.60 19.85 ? 210 GLN A N   1 
ATOM   179 N N   B GLN A 1 30 ? -7.935  0.652   -0.558  0.40 19.84 ? 210 GLN A N   1 
ATOM   180 C CA  A GLN A 1 30 ? -9.360  0.569   -0.893  0.60 22.97 ? 210 GLN A CA  1 
ATOM   181 C CA  B GLN A 1 30 ? -9.363  0.565   -0.853  0.40 22.96 ? 210 GLN A CA  1 
ATOM   182 C C   A GLN A 1 30 ? -10.192 1.221   0.214   0.60 19.26 ? 210 GLN A C   1 
ATOM   183 C C   B GLN A 1 30 ? -10.212 1.216   0.236   0.40 19.30 ? 210 GLN A C   1 
ATOM   184 O O   A GLN A 1 30 ? -10.108 0.814   1.365   0.60 20.84 ? 210 GLN A O   1 
ATOM   185 O O   B GLN A 1 30 ? -10.170 0.803   1.390   0.40 20.88 ? 210 GLN A O   1 
ATOM   186 C CB  A GLN A 1 30 ? -9.738  -0.914  -1.003  0.60 24.38 ? 210 GLN A CB  1 
ATOM   187 C CB  B GLN A 1 30 ? -9.750  -0.912  -0.977  0.40 24.35 ? 210 GLN A CB  1 
ATOM   188 C CG  A GLN A 1 30 ? -10.703 -1.267  -2.119  0.60 27.86 ? 210 GLN A CG  1 
ATOM   189 C CG  B GLN A 1 30 ? -11.233 -1.156  -1.174  0.40 25.81 ? 210 GLN A CG  1 
ATOM   190 C CD  A GLN A 1 30 ? -10.006 -1.462  -3.452  0.60 34.17 ? 210 GLN A CD  1 
ATOM   191 C CD  B GLN A 1 30 ? -11.667 -0.819  -2.576  0.40 27.73 ? 210 GLN A CD  1 
ATOM   192 O OE1 A GLN A 1 30 ? -9.446  -2.529  -3.729  0.60 26.89 ? 210 GLN A OE1 1 
ATOM   193 O OE1 B GLN A 1 30 ? -11.153 -1.383  -3.536  0.40 32.28 ? 210 GLN A OE1 1 
ATOM   194 N NE2 A GLN A 1 30 ? -10.033 -0.426  -4.286  0.60 26.83 ? 210 GLN A NE2 1 
ATOM   195 N NE2 B GLN A 1 30 ? -12.599 0.117   -2.706  0.40 23.82 ? 210 GLN A NE2 1 
ATOM   196 N N   . THR A 1 31 ? -10.993 2.226   -0.126  1.00 18.79 ? 211 THR A N   1 
ATOM   197 C CA  . THR A 1 31 ? -11.798 2.925   0.881   1.00 25.16 ? 211 THR A CA  1 
ATOM   198 C C   . THR A 1 31 ? -13.152 3.430   0.384   1.00 38.05 ? 211 THR A C   1 
ATOM   199 O O   . THR A 1 31 ? -13.397 3.509   -0.813  1.00 35.49 ? 211 THR A O   1 
ATOM   200 C CB  . THR A 1 31 ? -11.025 4.107   1.486   1.00 22.33 ? 211 THR A CB  1 
ATOM   201 O OG1 . THR A 1 31 ? -11.606 4.463   2.745   1.00 38.82 ? 211 THR A OG1 1 
ATOM   202 C CG2 . THR A 1 31 ? -11.076 5.282   0.549   1.00 21.78 ? 211 THR A CG2 1 
ATOM   203 N N   . ARG A 1 41 ? -11.917 15.544  0.350   1.00 26.50 ? 221 ARG A N   1 
ATOM   204 C CA  . ARG A 1 41 ? -11.074 14.794  -0.588  1.00 32.24 ? 221 ARG A CA  1 
ATOM   205 C C   . ARG A 1 41 ? -9.942  14.043  0.115   1.00 25.79 ? 221 ARG A C   1 
ATOM   206 O O   . ARG A 1 41 ? -9.086  14.655  0.755   1.00 24.53 ? 221 ARG A O   1 
ATOM   207 C CB  . ARG A 1 41 ? -10.487 15.719  -1.664  1.00 30.48 ? 221 ARG A CB  1 
ATOM   208 C CG  . ARG A 1 41 ? -9.300  15.108  -2.410  1.00 43.01 ? 221 ARG A CG  1 
ATOM   209 C CD  . ARG A 1 41 ? -8.497  16.139  -3.207  1.00 50.45 ? 221 ARG A CD  1 
ATOM   210 N NE  . ARG A 1 41 ? -8.334  17.428  -2.522  1.00 72.32 ? 221 ARG A NE  1 
ATOM   211 C CZ  . ARG A 1 41 ? -7.430  17.686  -1.572  1.00 68.26 ? 221 ARG A CZ  1 
ATOM   212 N NH1 . ARG A 1 41 ? -6.596  16.743  -1.151  1.00 45.97 ? 221 ARG A NH1 1 
ATOM   213 N NH2 . ARG A 1 41 ? -7.367  18.898  -1.027  1.00 60.73 ? 221 ARG A NH2 1 
ATOM   214 N N   . LEU A 1 42 ? -9.940  12.718  -0.022  1.00 26.82 ? 222 LEU A N   1 
ATOM   215 C CA  . LEU A 1 42 ? -8.942  11.862  0.617   1.00 18.07 ? 222 LEU A CA  1 
ATOM   216 C C   . LEU A 1 42 ? -7.643  11.799  -0.178  1.00 19.90 ? 222 LEU A C   1 
ATOM   217 O O   . LEU A 1 42 ? -7.665  11.698  -1.405  1.00 19.32 ? 222 LEU A O   1 
ATOM   218 C CB  . LEU A 1 42 ? -9.486  10.441  0.766   1.00 20.10 ? 222 LEU A CB  1 
ATOM   219 C CG  . LEU A 1 42 ? -10.791 10.262  1.537   1.00 23.29 ? 222 LEU A CG  1 
ATOM   220 C CD1 . LEU A 1 42 ? -11.201 8.801   1.537   1.00 25.85 ? 222 LEU A CD1 1 
ATOM   221 C CD2 . LEU A 1 42 ? -10.650 10.772  2.957   1.00 19.12 ? 222 LEU A CD2 1 
ATOM   222 N N   . LEU A 1 43 ? -6.520  11.870  0.536   1.00 11.85 ? 223 LEU A N   1 
ATOM   223 C CA  . LEU A 1 43 ? -5.195  11.602  -0.021  1.00 11.05 ? 223 LEU A CA  1 
ATOM   224 C C   . LEU A 1 43 ? -4.602  10.325  0.604   1.00 14.29 ? 223 LEU A C   1 
ATOM   225 O O   . LEU A 1 43 ? -4.848  10.014  1.778   1.00 11.80 ? 223 LEU A O   1 
ATOM   226 C CB  . LEU A 1 43 ? -4.270  12.780  0.242   1.00 13.43 ? 223 LEU A CB  1 
ATOM   227 C CG  . LEU A 1 43 ? -4.803  14.090  -0.317  1.00 15.82 ? 223 LEU A CG  1 
ATOM   228 C CD1 . LEU A 1 43 ? -3.823  15.182  -0.006  1.00 29.37 ? 223 LEU A CD1 1 
ATOM   229 C CD2 . LEU A 1 43 ? -5.018  13.980  -1.808  1.00 18.99 ? 223 LEU A CD2 1 
ATOM   230 N N   . PHE A 1 44 ? -3.811  9.600   -0.185  1.00 9.34  ? 224 PHE A N   1 
ATOM   231 C CA  . PHE A 1 44 ? -3.352  8.268   0.184   1.00 6.41  ? 224 PHE A CA  1 
ATOM   232 C C   . PHE A 1 44 ? -1.846  8.211   0.325   1.00 11.42 ? 224 PHE A C   1 
ATOM   233 O O   . PHE A 1 44 ? -1.098  8.713   -0.524  1.00 11.15 ? 224 PHE A O   1 
ATOM   234 C CB  . PHE A 1 44 ? -3.815  7.243   -0.866  1.00 9.54  ? 224 PHE A CB  1 
ATOM   235 C CG  . PHE A 1 44 ? -5.315  7.201   -1.055  1.00 8.92  ? 224 PHE A CG  1 
ATOM   236 C CD1 . PHE A 1 44 ? -6.103  6.381   -0.251  1.00 11.93 ? 224 PHE A CD1 1 
ATOM   237 C CD2 . PHE A 1 44 ? -5.933  7.988   -2.024  1.00 7.62  ? 224 PHE A CD2 1 
ATOM   238 C CE1 . PHE A 1 44 ? -7.484  6.344   -0.409  1.00 15.83 ? 224 PHE A CE1 1 
ATOM   239 C CE2 . PHE A 1 44 ? -7.308  7.966   -2.184  1.00 13.98 ? 224 PHE A CE2 1 
ATOM   240 C CZ  . PHE A 1 44 ? -8.088  7.137   -1.379  1.00 16.09 ? 224 PHE A CZ  1 
ATOM   241 N N   . SER A 1 45 ? -1.404  7.604   1.418   1.00 6.84  ? 225 SER A N   1 
ATOM   242 C CA  . SER A 1 45 ? 0.012   7.358   1.628   1.00 9.61  ? 225 SER A CA  1 
ATOM   243 C C   . SER A 1 45 ? 0.211   5.892   1.966   1.00 15.09 ? 225 SER A C   1 
ATOM   244 O O   . SER A 1 45 ? -0.710  5.220   2.463   1.00 10.78 ? 225 SER A O   1 
ATOM   245 C CB  . SER A 1 45 ? 0.578   8.267   2.728   1.00 9.35  ? 225 SER A CB  1 
ATOM   246 O OG  . SER A 1 45 ? -0.212  8.210   3.894   1.00 16.62 ? 225 SER A OG  1 
ATOM   247 N N   . PHE A 1 46 ? 1.406   5.390   1.676   1.00 7.97  ? 226 PHE A N   1 
ATOM   248 C CA  . PHE A 1 46 ? 1.713   3.973   1.852   1.00 9.42  ? 226 PHE A CA  1 
ATOM   249 C C   . PHE A 1 46 ? 2.977   3.822   2.713   1.00 14.18 ? 226 PHE A C   1 
ATOM   250 O O   . PHE A 1 46 ? 3.951   4.569   2.542   1.00 9.34  ? 226 PHE A O   1 
ATOM   251 C CB  . PHE A 1 46 ? 1.913   3.301   0.483   1.00 6.76  ? 226 PHE A CB  1 
ATOM   252 C CG  . PHE A 1 46 ? 0.655   3.206   -0.346  1.00 8.99  ? 226 PHE A CG  1 
ATOM   253 C CD1 . PHE A 1 46 ? 0.189   4.303   -1.070  1.00 10.69 ? 226 PHE A CD1 1 
ATOM   254 C CD2 . PHE A 1 46 ? -0.060  2.018   -0.408  1.00 12.94 ? 226 PHE A CD2 1 
ATOM   255 C CE1 . PHE A 1 46 ? -0.977  4.212   -1.838  1.00 11.65 ? 226 PHE A CE1 1 
ATOM   256 C CE2 . PHE A 1 46 ? -1.222  1.923   -1.172  1.00 11.14 ? 226 PHE A CE2 1 
ATOM   257 C CZ  . PHE A 1 46 ? -1.674  3.026   -1.886  1.00 5.14  ? 226 PHE A CZ  1 
ATOM   258 N N   . TYR A 1 47 ? 2.956   2.850   3.625   1.00 10.69 ? 227 TYR A N   1 
ATOM   259 C CA  . TYR A 1 47 ? 4.062   2.612   4.551   1.00 10.84 ? 227 TYR A CA  1 
ATOM   260 C C   . TYR A 1 47 ? 4.603   1.213   4.377   1.00 10.06 ? 227 TYR A C   1 
ATOM   261 O O   . TYR A 1 47 ? 3.848   0.287   4.084   1.00 8.44  ? 227 TYR A O   1 
ATOM   262 C CB  . TYR A 1 47 ? 3.575   2.784   5.991   1.00 10.72 ? 227 TYR A CB  1 
ATOM   263 C CG  . TYR A 1 47 ? 3.260   4.218   6.326   1.00 13.75 ? 227 TYR A CG  1 
ATOM   264 C CD1 . TYR A 1 47 ? 2.084   4.815   5.887   1.00 18.75 ? 227 TYR A CD1 1 
ATOM   265 C CD2 . TYR A 1 47 ? 4.148   4.983   7.058   1.00 17.41 ? 227 TYR A CD2 1 
ATOM   266 C CE1 . TYR A 1 47 ? 1.801   6.146   6.181   1.00 22.82 ? 227 TYR A CE1 1 
ATOM   267 C CE2 . TYR A 1 47 ? 3.868   6.297   7.368   1.00 30.88 ? 227 TYR A CE2 1 
ATOM   268 C CZ  . TYR A 1 47 ? 2.703   6.877   6.920   1.00 26.94 ? 227 TYR A CZ  1 
ATOM   269 O OH  . TYR A 1 47 ? 2.449   8.191   7.227   1.00 32.45 ? 227 TYR A OH  1 
ATOM   270 N N   . LYS A 1 48 ? 5.909   1.054   4.547   1.00 7.27  ? 228 LYS A N   1 
ATOM   271 C CA  . LYS A 1 48 ? 6.481   -0.280  4.648   1.00 12.13 ? 228 LYS A CA  1 
ATOM   272 C C   . LYS A 1 48 ? 7.340   -0.372  5.899   1.00 15.98 ? 228 LYS A C   1 
ATOM   273 O O   . LYS A 1 48 ? 8.285   0.396   6.054   1.00 13.08 ? 228 LYS A O   1 
ATOM   274 C CB  . LYS A 1 48 ? 7.335   -0.594  3.426   1.00 9.76  ? 228 LYS A CB  1 
ATOM   275 C CG  . LYS A 1 48 ? 8.023   -1.971  3.472   1.00 12.13 ? 228 LYS A CG  1 
ATOM   276 C CD  . LYS A 1 48 ? 8.946   -2.132  2.261   1.00 16.89 ? 228 LYS A CD  1 
ATOM   277 C CE  . LYS A 1 48 ? 9.604   -3.500  2.213   1.00 21.87 ? 228 LYS A CE  1 
ATOM   278 N NZ  . LYS A 1 48 ? 10.680  -3.688  3.226   1.00 25.67 ? 228 LYS A NZ  1 
ATOM   279 N N   . ASP A 1 49 ? 7.003   -1.310  6.781   1.00 14.96 ? 229 ASP A N   1 
ATOM   280 C CA  . ASP A 1 49 ? 7.798   -1.576  7.982   1.00 20.15 ? 229 ASP A CA  1 
ATOM   281 C C   . ASP A 1 49 ? 8.099   -0.306  8.752   1.00 19.66 ? 229 ASP A C   1 
ATOM   282 O O   . ASP A 1 49 ? 9.196   -0.138  9.277   1.00 24.05 ? 229 ASP A O   1 
ATOM   283 C CB  . ASP A 1 49 ? 9.117   -2.267  7.613   1.00 12.17 ? 229 ASP A CB  1 
ATOM   284 C CG  . ASP A 1 49 ? 8.903   -3.627  7.000   1.00 20.73 ? 229 ASP A CG  1 
ATOM   285 O OD1 . ASP A 1 49 ? 8.066   -4.393  7.530   1.00 22.37 ? 229 ASP A OD1 1 
ATOM   286 O OD2 . ASP A 1 49 ? 9.572   -3.932  5.990   1.00 24.21 ? 229 ASP A OD2 1 
ATOM   287 N N   . GLY A 1 50 ? 7.136   0.605   8.787   1.00 17.49 ? 230 GLY A N   1 
ATOM   288 C CA  . GLY A 1 50 ? 7.288   1.804   9.583   1.00 17.15 ? 230 GLY A CA  1 
ATOM   289 C C   . GLY A 1 50 ? 7.660   3.053   8.814   1.00 24.71 ? 230 GLY A C   1 
ATOM   290 O O   . GLY A 1 50 ? 7.413   4.156   9.292   1.00 22.99 ? 230 GLY A O   1 
ATOM   291 N N   . ARG A 1 51 ? 8.254   2.907   7.633   1.00 15.66 ? 231 ARG A N   1 
ATOM   292 C CA  . ARG A 1 51 ? 8.628   4.100   6.867   1.00 18.98 ? 231 ARG A CA  1 
ATOM   293 C C   . ARG A 1 51 ? 7.773   4.326   5.615   1.00 16.51 ? 231 ARG A C   1 
ATOM   294 O O   . ARG A 1 51 ? 7.276   3.376   5.000   1.00 16.60 ? 231 ARG A O   1 
ATOM   295 C CB  . ARG A 1 51 ? 10.128  4.107   6.541   1.00 32.72 ? 231 ARG A CB  1 
ATOM   296 C CG  . ARG A 1 51 ? 10.554  3.257   5.355   1.00 43.95 ? 231 ARG A CG  1 
ATOM   297 C CD  . ARG A 1 51 ? 12.085  3.265   5.227   1.00 60.99 ? 231 ARG A CD  1 
ATOM   298 N NE  . ARG A 1 51 ? 12.586  2.435   4.131   1.00 75.53 ? 231 ARG A NE  1 
ATOM   299 C CZ  . ARG A 1 51 ? 13.767  1.820   4.141   1.00 85.55 ? 231 ARG A CZ  1 
ATOM   300 N NH1 . ARG A 1 51 ? 14.567  1.928   5.200   1.00 63.26 ? 231 ARG A NH1 1 
ATOM   301 N NH2 . ARG A 1 51 ? 14.147  1.085   3.099   1.00 65.14 ? 231 ARG A NH2 1 
ATOM   302 N N   . ILE A 1 52 ? 7.598   5.597   5.262   1.00 15.63 ? 232 ILE A N   1 
ATOM   303 C CA  . ILE A 1 52 ? 6.826   5.979   4.087   1.00 18.39 ? 232 ILE A CA  1 
ATOM   304 C C   . ILE A 1 52 ? 7.495   5.497   2.804   1.00 21.96 ? 232 ILE A C   1 
ATOM   305 O O   . ILE A 1 52 ? 8.695   5.697   2.625   1.00 19.99 ? 232 ILE A O   1 
ATOM   306 C CB  . ILE A 1 52 ? 6.655   7.497   4.031   1.00 18.59 ? 232 ILE A CB  1 
ATOM   307 C CG1 . ILE A 1 52 ? 5.596   7.939   5.032   1.00 32.83 ? 232 ILE A CG1 1 
ATOM   308 C CG2 . ILE A 1 52 ? 6.247   7.956   2.639   1.00 17.99 ? 232 ILE A CG2 1 
ATOM   309 C CD1 . ILE A 1 52 ? 6.161   8.492   6.330   1.00 46.32 ? 232 ILE A CD1 1 
ATOM   310 N N   . VAL A 1 53 ? 6.725   4.852   1.924   1.00 13.10 ? 233 VAL A N   1 
ATOM   311 C CA  . VAL A 1 53 ? 7.224   4.464   0.596   1.00 13.46 ? 233 VAL A CA  1 
ATOM   312 C C   . VAL A 1 53 ? 6.522   5.230   -0.531  1.00 16.54 ? 233 VAL A C   1 
ATOM   313 O O   . VAL A 1 53 ? 6.918   5.162   -1.697  1.00 21.68 ? 233 VAL A O   1 
ATOM   314 C CB  . VAL A 1 53 ? 7.163   2.933   0.334   1.00 16.73 ? 233 VAL A CB  1 
ATOM   315 C CG1 . VAL A 1 53 ? 8.252   2.225   1.102   1.00 16.03 ? 233 VAL A CG1 1 
ATOM   316 C CG2 . VAL A 1 53 ? 5.782   2.349   0.675   1.00 13.84 ? 233 VAL A CG2 1 
ATOM   317 N N   . GLN A 1 54 ? 5.476   5.963   -0.172  1.00 16.35 ? 234 GLN A N   1 
ATOM   318 C CA  . GLN A 1 54 ? 4.807   6.854   -1.112  1.00 12.03 ? 234 GLN A CA  1 
ATOM   319 C C   . GLN A 1 54 ? 4.020   7.883   -0.299  1.00 17.03 ? 234 GLN A C   1 
ATOM   320 O O   . GLN A 1 54 ? 3.080   7.533   0.432   1.00 11.51 ? 234 GLN A O   1 
ATOM   321 C CB  . GLN A 1 54 ? 3.896   6.065   -2.062  1.00 13.50 ? 234 GLN A CB  1 
ATOM   322 C CG  . GLN A 1 54 ? 3.110   6.935   -3.035  1.00 14.42 ? 234 GLN A CG  1 
ATOM   323 C CD  . GLN A 1 54 ? 2.454   6.120   -4.130  1.00 12.86 ? 234 GLN A CD  1 
ATOM   324 O OE1 . GLN A 1 54 ? 3.127   5.401   -4.863  1.00 13.12 ? 234 GLN A OE1 1 
ATOM   325 N NE2 . GLN A 1 54 ? 1.134   6.224   -4.244  1.00 11.75 ? 234 GLN A NE2 1 
ATOM   326 N N   . SER A 1 55 ? 4.421   9.147   -0.408  1.00 12.55 ? 235 SER A N   1 
ATOM   327 C CA  . SER A 1 55 ? 3.829   10.211  0.402   1.00 15.85 ? 235 SER A CA  1 
ATOM   328 C C   . SER A 1 55 ? 2.436   10.562  -0.105  1.00 12.72 ? 235 SER A C   1 
ATOM   329 O O   . SER A 1 55 ? 2.050   10.123  -1.197  1.00 14.50 ? 235 SER A O   1 
ATOM   330 C CB  . SER A 1 55 ? 4.742   11.441  0.437   1.00 22.53 ? 235 SER A CB  1 
ATOM   331 O OG  . SER A 1 55 ? 5.098   11.847  -0.869  1.00 26.47 ? 235 SER A OG  1 
ATOM   332 N N   . ARG A 1 56 ? 1.680   11.313  0.697   1.00 9.01  ? 236 ARG A N   1 
ATOM   333 C CA  . ARG A 1 56 ? 0.281   11.634  0.387   1.00 11.16 ? 236 ARG A CA  1 
ATOM   334 C C   . ARG A 1 56 ? 0.085   12.069  -1.050  1.00 16.72 ? 236 ARG A C   1 
ATOM   335 O O   . ARG A 1 56 ? 0.826   12.923  -1.552  1.00 15.89 ? 236 ARG A O   1 
ATOM   336 C CB  . ARG A 1 56 ? -0.244  12.760  1.273   1.00 14.06 ? 236 ARG A CB  1 
ATOM   337 C CG  . ARG A 1 56 ? -0.373  12.401  2.704   1.00 23.37 ? 236 ARG A CG  1 
ATOM   338 C CD  . ARG A 1 56 ? -1.301  13.353  3.401   1.00 31.69 ? 236 ARG A CD  1 
ATOM   339 N NE  . ARG A 1 56 ? -1.487  12.947  4.788   1.00 38.68 ? 236 ARG A NE  1 
ATOM   340 C CZ  . ARG A 1 56 ? -2.262  13.588  5.656   1.00 34.38 ? 236 ARG A CZ  1 
ATOM   341 N NH1 . ARG A 1 56 ? -2.936  14.671  5.275   1.00 26.51 ? 236 ARG A NH1 1 
ATOM   342 N NH2 . ARG A 1 56 ? -2.362  13.138  6.903   1.00 45.33 ? 236 ARG A NH2 1 
ATOM   343 N N   . GLY A 1 57 ? -0.914  11.478  -1.706  1.00 14.97 ? 237 GLY A N   1 
ATOM   344 C CA  . GLY A 1 57 ? -1.229  11.831  -3.077  1.00 13.67 ? 237 GLY A CA  1 
ATOM   345 C C   . GLY A 1 57 ? -2.632  11.414  -3.476  1.00 18.18 ? 237 GLY A C   1 
ATOM   346 O O   . GLY A 1 57 ? -3.301  10.680  -2.732  1.00 7.91  ? 237 GLY A O   1 
ATOM   347 N N   . LEU A 1 58 ? -3.074  11.888  -4.643  1.00 9.36  ? 238 LEU A N   1 
ATOM   348 C CA  . LEU A 1 58 ? -4.371  11.514  -5.202  1.00 14.36 ? 238 LEU A CA  1 
ATOM   349 C C   . LEU A 1 58 ? -4.497  10.014  -5.420  1.00 9.07  ? 238 LEU A C   1 
ATOM   350 O O   . LEU A 1 58 ? -5.548  9.434   -5.151  1.00 12.37 ? 238 LEU A O   1 
ATOM   351 C CB  . LEU A 1 58 ? -4.605  12.230  -6.530  1.00 12.64 ? 238 LEU A CB  1 
ATOM   352 C CG  . LEU A 1 58 ? -4.919  13.718  -6.417  1.00 17.59 ? 238 LEU A CG  1 
ATOM   353 C CD1 . LEU A 1 58 ? -5.026  14.332  -7.804  1.00 13.29 ? 238 LEU A CD1 1 
ATOM   354 C CD2 . LEU A 1 58 ? -6.200  13.918  -5.629  1.00 14.64 ? 238 LEU A CD2 1 
ATOM   355 N N   . SER A 1 59 ? -3.428  9.384   -5.906  1.00 8.84  ? 239 SER A N   1 
ATOM   356 C CA  . SER A 1 59 ? -3.507  7.971   -6.300  1.00 11.86 ? 239 SER A CA  1 
ATOM   357 C C   . SER A 1 59 ? -3.709  7.049   -5.117  1.00 7.65  ? 239 SER A C   1 
ATOM   358 O O   . SER A 1 59 ? -3.051  7.199   -4.090  1.00 7.08  ? 239 SER A O   1 
ATOM   359 C CB  . SER A 1 59 ? -2.253  7.530   -7.055  1.00 12.38 ? 239 SER A CB  1 
ATOM   360 O OG  . SER A 1 59 ? -2.333  6.138   -7.326  1.00 13.36 ? 239 SER A OG  1 
ATOM   361 N N   . SER A 1 60 ? -4.620  6.090   -5.255  1.00 8.56  ? 240 SER A N   1 
ATOM   362 C CA  . SER A 1 60 ? -4.813  5.106   -4.202  1.00 10.68 ? 240 SER A CA  1 
ATOM   363 C C   . SER A 1 60 ? -4.029  3.825   -4.526  1.00 12.80 ? 240 SER A C   1 
ATOM   364 O O   . SER A 1 60 ? -4.308  2.762   -3.969  1.00 9.39  ? 240 SER A O   1 
ATOM   365 C CB  . SER A 1 60 ? -6.302  4.791   -4.038  1.00 11.16 ? 240 SER A CB  1 
ATOM   366 O OG  . SER A 1 60 ? -6.878  4.419   -5.278  1.00 13.86 ? 240 SER A OG  1 
ATOM   367 N N   . GLU A 1 61 ? -3.057  3.924   -5.433  1.00 11.61 ? 241 GLU A N   1 
ATOM   368 C CA  . GLU A 1 61 ? -2.271  2.757   -5.845  1.00 13.43 ? 241 GLU A CA  1 
ATOM   369 C C   . GLU A 1 61 ? -0.793  3.005   -5.575  1.00 12.74 ? 241 GLU A C   1 
ATOM   370 O O   . GLU A 1 61 ? -0.300  4.121   -5.768  1.00 9.55  ? 241 GLU A O   1 
ATOM   371 C CB  . GLU A 1 61 ? -2.457  2.470   -7.344  1.00 15.73 ? 241 GLU A CB  1 
ATOM   372 C CG  . GLU A 1 61 ? -3.898  2.449   -7.840  1.00 23.72 ? 241 GLU A CG  1 
ATOM   373 C CD  . GLU A 1 61 ? -4.498  1.060   -7.799  1.00 30.75 ? 241 GLU A CD  1 
ATOM   374 O OE1 . GLU A 1 61 ? -5.567  0.812   -8.410  1.00 29.05 ? 241 GLU A OE1 1 
ATOM   375 O OE2 . GLU A 1 61 ? -3.884  0.202   -7.142  1.00 34.34 ? 241 GLU A OE2 1 
ATOM   376 N N   . PHE A 1 62 ? -0.093  1.961   -5.128  1.00 12.53 ? 242 PHE A N   1 
ATOM   377 C CA  . PHE A 1 62 ? 1.360   1.989   -4.991  1.00 10.06 ? 242 PHE A CA  1 
ATOM   378 C C   . PHE A 1 62 ? 1.952   0.909   -5.893  1.00 10.03 ? 242 PHE A C   1 
ATOM   379 O O   . PHE A 1 62 ? 1.856   -0.283  -5.576  1.00 14.20 ? 242 PHE A O   1 
ATOM   380 C CB  . PHE A 1 62 ? 1.770   1.757   -3.529  1.00 9.57  ? 242 PHE A CB  1 
ATOM   381 C CG  . PHE A 1 62 ? 3.254   1.532   -3.326  1.00 10.94 ? 242 PHE A CG  1 
ATOM   382 C CD1 . PHE A 1 62 ? 4.162   2.560   -3.507  1.00 13.03 ? 242 PHE A CD1 1 
ATOM   383 C CD2 . PHE A 1 62 ? 3.732   0.288   -2.928  1.00 12.76 ? 242 PHE A CD2 1 
ATOM   384 C CE1 . PHE A 1 62 ? 5.530   2.348   -3.313  1.00 19.03 ? 242 PHE A CE1 1 
ATOM   385 C CE2 . PHE A 1 62 ? 5.089   0.068   -2.738  1.00 14.67 ? 242 PHE A CE2 1 
ATOM   386 C CZ  . PHE A 1 62 ? 5.988   1.099   -2.922  1.00 12.32 ? 242 PHE A CZ  1 
ATOM   387 N N   . GLN A 1 63 ? 2.551   1.321   -7.010  1.00 8.94  ? 243 GLN A N   1 
ATOM   388 C CA  . GLN A 1 63 ? 3.086   0.386   -8.008  1.00 10.23 ? 243 GLN A CA  1 
ATOM   389 C C   . GLN A 1 63 ? 4.448   -0.220  -7.631  1.00 11.78 ? 243 GLN A C   1 
ATOM   390 O O   . GLN A 1 63 ? 5.355   0.486   -7.202  1.00 11.13 ? 243 GLN A O   1 
ATOM   391 C CB  . GLN A 1 63 ? 3.238   1.104   -9.352  1.00 16.08 ? 243 GLN A CB  1 
ATOM   392 C CG  . GLN A 1 63 ? 2.074   2.018   -9.744  1.00 25.99 ? 243 GLN A CG  1 
ATOM   393 C CD  . GLN A 1 63 ? 2.189   2.537   -11.182 1.00 48.27 ? 243 GLN A CD  1 
ATOM   394 O OE1 . GLN A 1 63 ? 2.740   3.618   -11.429 1.00 38.86 ? 243 GLN A OE1 1 
ATOM   395 N NE2 . GLN A 1 63 ? 1.664   1.763   -12.136 1.00 46.86 ? 243 GLN A NE2 1 
ATOM   396 N N   . ILE A 1 64 ? 4.595   -1.527  -7.811  1.00 11.19 ? 244 ILE A N   1 
ATOM   397 C CA  . ILE A 1 64 ? 5.906   -2.168  -7.735  1.00 9.99  ? 244 ILE A CA  1 
ATOM   398 C C   . ILE A 1 64 ? 6.118   -2.921  -9.044  1.00 16.22 ? 244 ILE A C   1 
ATOM   399 O O   . ILE A 1 64 ? 5.721   -4.086  -9.173  1.00 15.12 ? 244 ILE A O   1 
ATOM   400 C CB  . ILE A 1 64 ? 5.993   -3.132  -6.553  1.00 19.60 ? 244 ILE A CB  1 
ATOM   401 C CG1 . ILE A 1 64 ? 5.739   -2.382  -5.246  1.00 16.00 ? 244 ILE A CG1 1 
ATOM   402 C CG2 . ILE A 1 64 ? 7.362   -3.816  -6.499  1.00 11.82 ? 244 ILE A CG2 1 
ATOM   403 C CD1 . ILE A 1 64 ? 5.488   -3.301  -4.078  1.00 14.62 ? 244 ILE A CD1 1 
ATOM   404 N N   . PRO A 1 65 ? 6.716   -2.241  -10.037 1.00 13.12 ? 245 PRO A N   1 
ATOM   405 C CA  . PRO A 1 65 ? 6.733   -2.772  -11.403 1.00 13.74 ? 245 PRO A CA  1 
ATOM   406 C C   . PRO A 1 65 ? 7.660   -3.973  -11.524 1.00 12.49 ? 245 PRO A C   1 
ATOM   407 O O   . PRO A 1 65 ? 7.449   -4.797  -12.407 1.00 12.37 ? 245 PRO A O   1 
ATOM   408 C CB  . PRO A 1 65 ? 7.264   -1.594  -12.247 1.00 9.20  ? 245 PRO A CB  1 
ATOM   409 C CG  . PRO A 1 65 ? 7.132   -0.387  -11.365 1.00 16.24 ? 245 PRO A CG  1 
ATOM   410 C CD  . PRO A 1 65 ? 7.303   -0.894  -9.962  1.00 9.98  ? 245 PRO A CD  1 
ATOM   411 N N   . THR A 1 66 ? 8.662   -4.068  -10.660 1.00 8.57  ? 246 THR A N   1 
ATOM   412 C CA  . THR A 1 66 ? 9.561   -5.224  -10.672 1.00 14.58 ? 246 THR A CA  1 
ATOM   413 C C   . THR A 1 66 ? 9.821   -5.686  -9.244  1.00 17.49 ? 246 THR A C   1 
ATOM   414 O O   . THR A 1 66 ? 10.649  -5.109  -8.545  1.00 19.30 ? 246 THR A O   1 
ATOM   415 C CB  . THR A 1 66 ? 10.902  -4.895  -11.370 1.00 14.23 ? 246 THR A CB  1 
ATOM   416 O OG1 . THR A 1 66 ? 10.635  -4.425  -12.692 1.00 19.91 ? 246 THR A OG1 1 
ATOM   417 C CG2 . THR A 1 66 ? 11.779  -6.133  -11.481 1.00 18.06 ? 246 THR A CG2 1 
ATOM   418 N N   . ALA A 1 67 ? 9.103   -6.722  -8.814  1.00 16.05 ? 247 ALA A N   1 
ATOM   419 C CA  . ALA A 1 67 ? 9.249   -7.254  -7.454  1.00 16.78 ? 247 ALA A CA  1 
ATOM   420 C C   . ALA A 1 67 ? 10.600  -7.926  -7.227  1.00 14.67 ? 247 ALA A C   1 
ATOM   421 O O   . ALA A 1 67 ? 11.012  -8.808  -7.988  1.00 23.54 ? 247 ALA A O   1 
ATOM   422 C CB  . ALA A 1 67 ? 8.110   -8.240  -7.133  1.00 12.44 ? 247 ALA A CB  1 
ATOM   423 N N   . SER A 1 68 ? 11.276  -7.505  -6.169  1.00 15.22 ? 248 SER A N   1 
ATOM   424 C CA  . SER A 1 68 ? 12.568  -8.060  -5.787  1.00 20.54 ? 248 SER A CA  1 
ATOM   425 C C   . SER A 1 68 ? 12.574  -8.271  -4.287  1.00 21.56 ? 248 SER A C   1 
ATOM   426 O O   . SER A 1 68 ? 11.614  -7.894  -3.597  1.00 15.44 ? 248 SER A O   1 
ATOM   427 C CB  . SER A 1 68 ? 13.680  -7.090  -6.156  1.00 24.53 ? 248 SER A CB  1 
ATOM   428 O OG  . SER A 1 68 ? 13.547  -5.898  -5.405  1.00 30.38 ? 248 SER A OG  1 
ATOM   429 N N   . GLU A 1 69 ? 13.650  -8.861  -3.774  1.00 20.80 ? 249 GLU A N   1 
ATOM   430 C CA  . GLU A 1 69 ? 13.709  -9.229  -2.359  1.00 28.51 ? 249 GLU A CA  1 
ATOM   431 C C   . GLU A 1 69 ? 13.463  -8.054  -1.420  1.00 25.06 ? 249 GLU A C   1 
ATOM   432 O O   . GLU A 1 69 ? 12.786  -8.208  -0.411  1.00 23.64 ? 249 GLU A O   1 
ATOM   433 C CB  . GLU A 1 69 ? 15.020  -9.954  -2.004  1.00 34.04 ? 249 GLU A CB  1 
ATOM   434 C CG  . GLU A 1 69 ? 15.183  -11.305 -2.720  1.00 56.70 ? 249 GLU A CG  1 
ATOM   435 C CD  . GLU A 1 69 ? 16.126  -12.266 -2.007  1.00 73.28 ? 249 GLU A CD  1 
ATOM   436 O OE1 . GLU A 1 69 ? 16.958  -11.802 -1.188  1.00 56.49 ? 249 GLU A OE1 1 
ATOM   437 O OE2 . GLU A 1 69 ? 16.022  -13.491 -2.273  1.00 49.25 ? 249 GLU A OE2 1 
ATOM   438 N N   . ASP A 1 70 ? 13.977  -6.876  -1.762  1.00 22.30 ? 250 ASP A N   1 
ATOM   439 C CA  . ASP A 1 70 ? 13.794  -5.696  -0.908  1.00 31.22 ? 250 ASP A CA  1 
ATOM   440 C C   . ASP A 1 70 ? 12.329  -5.254  -0.754  1.00 29.74 ? 250 ASP A C   1 
ATOM   441 O O   . ASP A 1 70 ? 12.013  -4.452  0.124   1.00 27.22 ? 250 ASP A O   1 
ATOM   442 C CB  . ASP A 1 70 ? 14.653  -4.523  -1.410  1.00 33.94 ? 250 ASP A CB  1 
ATOM   443 C CG  . ASP A 1 70 ? 14.375  -4.176  -2.866  1.00 43.08 ? 250 ASP A CG  1 
ATOM   444 O OD1 . ASP A 1 70 ? 14.783  -4.963  -3.752  1.00 60.64 ? 250 ASP A OD1 1 
ATOM   445 O OD2 . ASP A 1 70 ? 13.758  -3.118  -3.128  1.00 52.96 ? 250 ASP A OD2 1 
ATOM   446 N N   . HIS A 1 71 ? 11.444  -5.769  -1.606  1.00 23.36 ? 251 HIS A N   1 
ATOM   447 C CA  . HIS A 1 71 ? 10.033  -5.395  -1.549  1.00 20.12 ? 251 HIS A CA  1 
ATOM   448 C C   . HIS A 1 71 ? 9.229   -6.223  -0.543  1.00 20.33 ? 251 HIS A C   1 
ATOM   449 O O   . HIS A 1 71 ? 8.117   -5.831  -0.167  1.00 18.92 ? 251 HIS A O   1 
ATOM   450 C CB  . HIS A 1 71 ? 9.395   -5.474  -2.938  1.00 13.17 ? 251 HIS A CB  1 
ATOM   451 C CG  . HIS A 1 71 ? 9.879   -4.424  -3.890  1.00 19.10 ? 251 HIS A CG  1 
ATOM   452 N ND1 . HIS A 1 71 ? 10.465  -4.733  -5.099  1.00 22.74 ? 251 HIS A ND1 1 
ATOM   453 C CD2 . HIS A 1 71 ? 9.846   -3.069  -3.822  1.00 26.27 ? 251 HIS A CD2 1 
ATOM   454 C CE1 . HIS A 1 71 ? 10.776  -3.614  -5.736  1.00 25.69 ? 251 HIS A CE1 1 
ATOM   455 N NE2 . HIS A 1 71 ? 10.418  -2.590  -4.979  1.00 21.24 ? 251 HIS A NE2 1 
ATOM   456 N N   . SER A 1 72 ? 9.773   -7.363  -0.113  1.00 17.41 ? 252 SER A N   1 
ATOM   457 C CA  . SER A 1 72 ? 9.100   -8.171  0.906   1.00 13.47 ? 252 SER A CA  1 
ATOM   458 C C   . SER A 1 72 ? 9.024   -7.389  2.217   1.00 17.22 ? 252 SER A C   1 
ATOM   459 O O   . SER A 1 72 ? 9.963   -6.681  2.576   1.00 20.35 ? 252 SER A O   1 
ATOM   460 C CB  . SER A 1 72 ? 9.828   -9.502  1.130   1.00 22.47 ? 252 SER A CB  1 
ATOM   461 O OG  . SER A 1 72 ? 9.887   -10.261 -0.064  1.00 15.57 ? 252 SER A OG  1 
ATOM   462 N N   . GLY A 1 73 ? 7.910   -7.501  2.929   1.00 16.22 ? 253 GLY A N   1 
ATOM   463 C CA  . GLY A 1 73 ? 7.776   -6.799  4.191   1.00 15.67 ? 253 GLY A CA  1 
ATOM   464 C C   . GLY A 1 73 ? 6.340   -6.525  4.566   1.00 20.90 ? 253 GLY A C   1 
ATOM   465 O O   . GLY A 1 73 ? 5.414   -6.988  3.885   1.00 13.20 ? 253 GLY A O   1 
ATOM   466 N N   . SER A 1 74 ? 6.163   -5.778  5.659   1.00 14.13 ? 254 SER A N   1 
ATOM   467 C CA  . SER A 1 74 ? 4.843   -5.396  6.157   1.00 12.39 ? 254 SER A CA  1 
ATOM   468 C C   . SER A 1 74 ? 4.471   -3.984  5.678   1.00 14.69 ? 254 SER A C   1 
ATOM   469 O O   . SER A 1 74 ? 5.167   -3.005  5.979   1.00 12.80 ? 254 SER A O   1 
ATOM   470 C CB  . SER A 1 74 ? 4.816   -5.479  7.686   1.00 16.29 ? 254 SER A CB  1 
ATOM   471 O OG  . SER A 1 74 ? 3.575   -5.023  8.193   1.00 21.32 ? 254 SER A OG  1 
ATOM   472 N N   . TYR A 1 75 ? 3.382   -3.890  4.912   1.00 10.39 ? 255 TYR A N   1 
ATOM   473 C CA  . TYR A 1 75 ? 2.911   -2.615  4.379   1.00 9.07  ? 255 TYR A CA  1 
ATOM   474 C C   . TYR A 1 75 ? 1.587   -2.219  4.998   1.00 9.29  ? 255 TYR A C   1 
ATOM   475 O O   . TYR A 1 75 ? 0.805   -3.072  5.437   1.00 8.36  ? 255 TYR A O   1 
ATOM   476 C CB  . TYR A 1 75 ? 2.694   -2.693  2.863   1.00 6.33  ? 255 TYR A CB  1 
ATOM   477 C CG  . TYR A 1 75 ? 3.935   -2.896  2.029   1.00 11.66 ? 255 TYR A CG  1 
ATOM   478 C CD1 . TYR A 1 75 ? 4.603   -4.122  2.010   1.00 13.86 ? 255 TYR A CD1 1 
ATOM   479 C CD2 . TYR A 1 75 ? 4.428   -1.874  1.238   1.00 10.71 ? 255 TYR A CD2 1 
ATOM   480 C CE1 . TYR A 1 75 ? 5.744   -4.313  1.221   1.00 8.22  ? 255 TYR A CE1 1 
ATOM   481 C CE2 . TYR A 1 75 ? 5.552   -2.055  0.447   1.00 10.50 ? 255 TYR A CE2 1 
ATOM   482 C CZ  . TYR A 1 75 ? 6.207   -3.273  0.446   1.00 8.78  ? 255 TYR A CZ  1 
ATOM   483 O OH  . TYR A 1 75 ? 7.335   -3.434  -0.348  1.00 11.14 ? 255 TYR A OH  1 
ATOM   484 N N   . TRP A 1 76 ? 1.330   -0.917  5.015   1.00 7.12  ? 256 TRP A N   1 
ATOM   485 C CA  . TRP A 1 76 ? -0.018  -0.424  5.293   1.00 8.62  ? 256 TRP A CA  1 
ATOM   486 C C   . TRP A 1 76 ? -0.252  0.910   4.589   1.00 10.66 ? 256 TRP A C   1 
ATOM   487 O O   . TRP A 1 76 ? 0.700   1.565   4.159   1.00 14.24 ? 256 TRP A O   1 
ATOM   488 C CB  . TRP A 1 76 ? -0.289  -0.329  6.795   1.00 8.23  ? 256 TRP A CB  1 
ATOM   489 C CG  . TRP A 1 76 ? 0.656   0.555   7.567   1.00 12.29 ? 256 TRP A CG  1 
ATOM   490 C CD1 . TRP A 1 76 ? 0.553   1.906   7.756   1.00 16.89 ? 256 TRP A CD1 1 
ATOM   491 C CD2 . TRP A 1 76 ? 1.821   0.137   8.294   1.00 15.79 ? 256 TRP A CD2 1 
ATOM   492 N NE1 . TRP A 1 76 ? 1.589   2.355   8.540   1.00 17.42 ? 256 TRP A NE1 1 
ATOM   493 C CE2 . TRP A 1 76 ? 2.377   1.288   8.887   1.00 16.73 ? 256 TRP A CE2 1 
ATOM   494 C CE3 . TRP A 1 76 ? 2.451   -1.099  8.492   1.00 18.29 ? 256 TRP A CE3 1 
ATOM   495 C CZ2 . TRP A 1 76 ? 3.536   1.237   9.651   1.00 14.23 ? 256 TRP A CZ2 1 
ATOM   496 C CZ3 . TRP A 1 76 ? 3.591   -1.145  9.256   1.00 13.44 ? 256 TRP A CZ3 1 
ATOM   497 C CH2 . TRP A 1 76 ? 4.123   0.013   9.827   1.00 19.90 ? 256 TRP A CH2 1 
ATOM   498 N N   . CYS A 1 77 ? -1.513  1.303   4.442   1.00 10.92 ? 257 CYS A N   1 
ATOM   499 C CA  . CYS A 1 77 ? -1.827  2.542   3.727   1.00 7.65  ? 257 CYS A CA  1 
ATOM   500 C C   . CYS A 1 77 ? -2.628  3.468   4.616   1.00 9.07  ? 257 CYS A C   1 
ATOM   501 O O   . CYS A 1 77 ? -3.133  3.053   5.663   1.00 7.64  ? 257 CYS A O   1 
ATOM   502 C CB  . CYS A 1 77 ? -2.565  2.274   2.411   1.00 10.61 ? 257 CYS A CB  1 
ATOM   503 S SG  . CYS A 1 77 ? -4.274  1.696   2.556   1.00 11.11 ? 257 CYS A SG  1 
ATOM   504 N N   . GLU A 1 78 ? -2.734  4.725   4.198   1.00 13.02 ? 258 GLU A N   1 
ATOM   505 C CA  . GLU A 1 78 ? -3.375  5.742   5.003   1.00 12.86 ? 258 GLU A CA  1 
ATOM   506 C C   . GLU A 1 78 ? -4.234  6.595   4.096   1.00 13.96 ? 258 GLU A C   1 
ATOM   507 O O   . GLU A 1 78 ? -3.759  7.055   3.055   1.00 14.98 ? 258 GLU A O   1 
ATOM   508 C CB  . GLU A 1 78 ? -2.313  6.604   5.674   1.00 10.88 ? 258 GLU A CB  1 
ATOM   509 C CG  . GLU A 1 78 ? -2.851  7.664   6.594   1.00 15.39 ? 258 GLU A CG  1 
ATOM   510 C CD  . GLU A 1 78 ? -1.745  8.554   7.111   1.00 24.95 ? 258 GLU A CD  1 
ATOM   511 O OE1 . GLU A 1 78 ? -0.867  8.035   7.842   1.00 14.91 ? 258 GLU A OE1 1 
ATOM   512 O OE2 . GLU A 1 78 ? -1.743  9.758   6.758   1.00 32.07 ? 258 GLU A OE2 1 
ATOM   513 N N   . ALA A 1 79 ? -5.497  6.779   4.481   1.00 8.42  ? 259 ALA A N   1 
ATOM   514 C CA  . ALA A 1 79 ? -6.410  7.672   3.775   1.00 8.53  ? 259 ALA A CA  1 
ATOM   515 C C   . ALA A 1 79 ? -6.711  8.848   4.691   1.00 15.81 ? 259 ALA A C   1 
ATOM   516 O O   . ALA A 1 79 ? -7.169  8.658   5.825   1.00 12.76 ? 259 ALA A O   1 
ATOM   517 C CB  . ALA A 1 79 ? -7.704  6.941   3.417   1.00 7.82  ? 259 ALA A CB  1 
ATOM   518 N N   . ALA A 1 80 ? -6.474  10.065  4.208   1.00 12.42 ? 260 ALA A N   1 
ATOM   519 C CA  . ALA A 1 80 ? -6.671  11.236  5.049   1.00 15.15 ? 260 ALA A CA  1 
ATOM   520 C C   . ALA A 1 80 ? -6.804  12.504  4.230   1.00 16.78 ? 260 ALA A C   1 
ATOM   521 O O   . ALA A 1 80 ? -6.172  12.645  3.188   1.00 18.68 ? 260 ALA A O   1 
ATOM   522 C CB  . ALA A 1 80 ? -5.522  11.366  6.038   1.00 16.00 ? 260 ALA A CB  1 
ATOM   523 N N   . THR A 1 81 ? -7.622  13.434  4.708   1.00 18.42 ? 261 THR A N   1 
ATOM   524 C CA  . THR A 1 81 ? -7.710  14.753  4.082   1.00 19.73 ? 261 THR A CA  1 
ATOM   525 C C   . THR A 1 81 ? -6.483  15.575  4.461   1.00 24.63 ? 261 THR A C   1 
ATOM   526 O O   . THR A 1 81 ? -5.751  15.207  5.383   1.00 21.40 ? 261 THR A O   1 
ATOM   527 C CB  . THR A 1 81 ? -8.974  15.476  4.524   1.00 18.33 ? 261 THR A CB  1 
ATOM   528 O OG1 . THR A 1 81 ? -8.986  15.569  5.955   1.00 23.06 ? 261 THR A OG1 1 
ATOM   529 C CG2 . THR A 1 81 ? -10.198 14.704  4.070   1.00 21.52 ? 261 THR A CG2 1 
ATOM   530 N N   . GLU A 1 82 ? -6.253  16.681  3.758   1.00 26.29 ? 262 GLU A N   1 
ATOM   531 C CA  . GLU A 1 82 ? -5.039  17.474  3.974   1.00 36.46 ? 262 GLU A CA  1 
ATOM   532 C C   . GLU A 1 82 ? -4.847  17.949  5.416   1.00 29.36 ? 262 GLU A C   1 
ATOM   533 O O   . GLU A 1 82 ? -3.720  18.013  5.914   1.00 27.57 ? 262 GLU A O   1 
ATOM   534 C CB  . GLU A 1 82 ? -4.985  18.683  3.025   1.00 37.11 ? 262 GLU A CB  1 
ATOM   535 C CG  . GLU A 1 82 ? -4.255  18.399  1.715   1.00 38.03 ? 262 GLU A CG  1 
ATOM   536 C CD  . GLU A 1 82 ? -4.003  19.650  0.887   1.00 37.88 ? 262 GLU A CD  1 
ATOM   537 O OE1 . GLU A 1 82 ? -4.350  19.643  -0.312  1.00 40.08 ? 262 GLU A OE1 1 
ATOM   538 O OE2 . GLU A 1 82 ? -3.445  20.632  1.424   1.00 42.03 ? 262 GLU A OE2 1 
ATOM   539 N N   . ASP A 1 83 ? -5.943  18.293  6.078   1.00 26.52 ? 263 ASP A N   1 
ATOM   540 C CA  . ASP A 1 83 ? -5.854  18.847  7.424   1.00 25.78 ? 263 ASP A CA  1 
ATOM   541 C C   . ASP A 1 83 ? -6.145  17.791  8.488   1.00 21.45 ? 263 ASP A C   1 
ATOM   542 O O   . ASP A 1 83 ? -6.350  18.124  9.658   1.00 16.28 ? 263 ASP A O   1 
ATOM   543 C CB  . ASP A 1 83 ? -6.830  20.006  7.559   1.00 24.78 ? 263 ASP A CB  1 
ATOM   544 C CG  . ASP A 1 83 ? -8.257  19.589  7.261   1.00 38.34 ? 263 ASP A CG  1 
ATOM   545 O OD1 . ASP A 1 83 ? -8.466  18.426  6.831   1.00 23.73 ? 263 ASP A OD1 1 
ATOM   546 O OD2 . ASP A 1 83 ? -9.169  20.425  7.443   1.00 40.93 ? 263 ASP A OD2 1 
ATOM   547 N N   . ASN A 1 84 ? -6.181  16.525  8.068   1.00 19.92 ? 264 ASN A N   1 
ATOM   548 C CA  . ASN A 1 84 ? -6.439  15.397  8.976   1.00 20.61 ? 264 ASN A CA  1 
ATOM   549 C C   . ASN A 1 84 ? -7.764  15.444  9.733   1.00 18.80 ? 264 ASN A C   1 
ATOM   550 O O   . ASN A 1 84 ? -7.898  14.811  10.784  1.00 22.35 ? 264 ASN A O   1 
ATOM   551 C CB  . ASN A 1 84 ? -5.297  15.225  9.980   1.00 15.78 ? 264 ASN A CB  1 
ATOM   552 C CG  . ASN A 1 84 ? -3.967  15.038  9.307   1.00 24.41 ? 264 ASN A CG  1 
ATOM   553 O OD1 . ASN A 1 84 ? -3.896  14.535  8.192   1.00 23.89 ? 264 ASN A OD1 1 
ATOM   554 N ND2 . ASN A 1 84 ? -2.896  15.442  9.983   1.00 37.03 ? 264 ASN A ND2 1 
ATOM   555 N N   . GLN A 1 85 ? -8.735  16.185  9.206   1.00 18.41 ? 265 GLN A N   1 
ATOM   556 C CA  . GLN A 1 85 ? -10.106 16.108  9.721   1.00 27.57 ? 265 GLN A CA  1 
ATOM   557 C C   . GLN A 1 85 ? -10.619 14.672  9.580   1.00 38.96 ? 265 GLN A C   1 
ATOM   558 O O   . GLN A 1 85 ? -11.416 14.182  10.395  1.00 23.85 ? 265 GLN A O   1 
ATOM   559 C CB  . GLN A 1 85 ? -11.037 17.046  8.946   1.00 23.17 ? 265 GLN A CB  1 
ATOM   560 C CG  . GLN A 1 85 ? -10.859 18.517  9.252   1.00 36.80 ? 265 GLN A CG  1 
ATOM   561 C CD  . GLN A 1 85 ? -11.086 18.837  10.719  1.00 48.90 ? 265 GLN A CD  1 
ATOM   562 O OE1 . GLN A 1 85 ? -12.062 18.395  11.327  1.00 45.90 ? 265 GLN A OE1 1 
ATOM   563 N NE2 . GLN A 1 85 ? -10.177 19.603  11.294  1.00 54.51 ? 265 GLN A NE2 1 
ATOM   564 N N   . VAL A 1 86 ? -10.173 14.017  8.512   1.00 19.10 ? 266 VAL A N   1 
ATOM   565 C CA  . VAL A 1 86 ? -10.419 12.599  8.310   1.00 19.73 ? 266 VAL A CA  1 
ATOM   566 C C   . VAL A 1 86 ? -9.062  11.913  8.227   1.00 16.94 ? 266 VAL A C   1 
ATOM   567 O O   . VAL A 1 86 ? -8.169  12.377  7.512   1.00 16.00 ? 266 VAL A O   1 
ATOM   568 C CB  . VAL A 1 86 ? -11.202 12.357  7.009   1.00 37.55 ? 266 VAL A CB  1 
ATOM   569 C CG1 . VAL A 1 86 ? -11.304 10.867  6.715   1.00 29.65 ? 266 VAL A CG1 1 
ATOM   570 C CG2 . VAL A 1 86 ? -12.590 12.996  7.094   1.00 33.02 ? 266 VAL A CG2 1 
ATOM   571 N N   . TRP A 1 87 ? -8.895  10.826  8.968   1.00 15.43 ? 267 TRP A N   1 
ATOM   572 C CA  . TRP A 1 87 ? -7.609  10.153  9.029   1.00 14.82 ? 267 TRP A CA  1 
ATOM   573 C C   . TRP A 1 87 ? -7.821  8.711   9.455   1.00 17.04 ? 267 TRP A C   1 
ATOM   574 O O   . TRP A 1 87 ? -8.229  8.447   10.587  1.00 15.68 ? 267 TRP A O   1 
ATOM   575 C CB  . TRP A 1 87 ? -6.727  10.872  10.041  1.00 12.42 ? 267 TRP A CB  1 
ATOM   576 C CG  . TRP A 1 87 ? -5.285  10.511  10.014  1.00 16.61 ? 267 TRP A CG  1 
ATOM   577 C CD1 . TRP A 1 87 ? -4.258  11.290  9.555   1.00 16.18 ? 267 TRP A CD1 1 
ATOM   578 C CD2 . TRP A 1 87 ? -4.683  9.309   10.520  1.00 18.36 ? 267 TRP A CD2 1 
ATOM   579 N NE1 . TRP A 1 87 ? -3.061  10.637  9.724   1.00 13.36 ? 267 TRP A NE1 1 
ATOM   580 C CE2 . TRP A 1 87 ? -3.294  9.419   10.311  1.00 19.14 ? 267 TRP A CE2 1 
ATOM   581 C CE3 . TRP A 1 87 ? -5.186  8.144   11.121  1.00 18.36 ? 267 TRP A CE3 1 
ATOM   582 C CZ2 . TRP A 1 87 ? -2.400  8.402   10.683  1.00 20.08 ? 267 TRP A CZ2 1 
ATOM   583 C CZ3 . TRP A 1 87 ? -4.296  7.137   11.489  1.00 17.02 ? 267 TRP A CZ3 1 
ATOM   584 C CH2 . TRP A 1 87 ? -2.923  7.271   11.267  1.00 18.49 ? 267 TRP A CH2 1 
ATOM   585 N N   . LYS A 1 88 ? -7.539  7.772   8.558   1.00 12.34 ? 268 LYS A N   1 
ATOM   586 C CA  . LYS A 1 88 ? -7.688  6.358   8.878   1.00 9.38  ? 268 LYS A CA  1 
ATOM   587 C C   . LYS A 1 88 ? -6.584  5.544   8.209   1.00 14.22 ? 268 LYS A C   1 
ATOM   588 O O   . LYS A 1 88 ? -6.144  5.873   7.104   1.00 12.83 ? 268 LYS A O   1 
ATOM   589 C CB  . LYS A 1 88 ? -9.054  5.841   8.417   1.00 16.37 ? 268 LYS A CB  1 
ATOM   590 C CG  . LYS A 1 88 ? -10.242 6.557   9.042   1.00 26.27 ? 268 LYS A CG  1 
ATOM   591 C CD  . LYS A 1 88 ? -11.458 5.651   9.166   1.00 39.46 ? 268 LYS A CD  1 
ATOM   592 C CE  . LYS A 1 88 ? -12.465 6.259   10.138  1.00 37.95 ? 268 LYS A CE  1 
ATOM   593 N NZ  . LYS A 1 88 ? -13.383 5.245   10.722  1.00 45.62 ? 268 LYS A NZ  1 
ATOM   594 N N   . GLN A 1 89 ? -6.133  4.495   8.893   1.00 7.15  ? 269 GLN A N   1 
ATOM   595 C CA  . GLN A 1 89 ? -5.141  3.575   8.341   1.00 11.25 ? 269 GLN A CA  1 
ATOM   596 C C   . GLN A 1 89 ? -5.710  2.175   8.202   1.00 11.23 ? 269 GLN A C   1 
ATOM   597 O O   . GLN A 1 89 ? -6.697  1.834   8.872   1.00 11.65 ? 269 GLN A O   1 
ATOM   598 C CB  . GLN A 1 89 ? -3.884  3.543   9.215   1.00 9.61  ? 269 GLN A CB  1 
ATOM   599 C CG  . GLN A 1 89 ? -2.906  4.667   8.870   1.00 17.45 ? 269 GLN A CG  1 
ATOM   600 C CD  . GLN A 1 89 ? -1.610  4.574   9.642   1.00 22.32 ? 269 GLN A CD  1 
ATOM   601 O OE1 . GLN A 1 89 ? -1.499  3.785   10.586  1.00 15.27 ? 269 GLN A OE1 1 
ATOM   602 N NE2 . GLN A 1 89 ? -0.614  5.384   9.245   1.00 22.14 ? 269 GLN A NE2 1 
ATOM   603 N N   . SER A 1 90 ? -5.077  1.377   7.334   1.00 9.17  ? 270 SER A N   1 
ATOM   604 C CA  . SER A 1 90 ? -5.472  -0.014  7.065   1.00 6.50  ? 270 SER A CA  1 
ATOM   605 C C   . SER A 1 90 ? -4.791  -0.985  8.027   1.00 11.10 ? 270 SER A C   1 
ATOM   606 O O   . SER A 1 90 ? -3.755  -0.653  8.626   1.00 6.89  ? 270 SER A O   1 
ATOM   607 C CB  . SER A 1 90 ? -5.045  -0.415  5.649   1.00 8.93  ? 270 SER A CB  1 
ATOM   608 O OG  . SER A 1 90 ? -3.627  -0.549  5.570   1.00 9.55  ? 270 SER A OG  1 
ATOM   609 N N   . PRO A 1 91 ? -5.363  -2.202  8.166   1.00 7.74  ? 271 PRO A N   1 
ATOM   610 C CA  . PRO A 1 91 ? -4.584  -3.298  8.761   1.00 8.50  ? 271 PRO A CA  1 
ATOM   611 C C   . PRO A 1 91 ? -3.336  -3.534  7.917   1.00 11.44 ? 271 PRO A C   1 
ATOM   612 O O   . PRO A 1 91 ? -3.335  -3.180  6.726   1.00 12.21 ? 271 PRO A O   1 
ATOM   613 C CB  . PRO A 1 91 ? -5.529  -4.497  8.650   1.00 11.96 ? 271 PRO A CB  1 
ATOM   614 C CG  . PRO A 1 91 ? -6.917  -3.894  8.652   1.00 10.18 ? 271 PRO A CG  1 
ATOM   615 C CD  . PRO A 1 91 ? -6.761  -2.592  7.886   1.00 6.39  ? 271 PRO A CD  1 
ATOM   616 N N   . GLN A 1 92 ? -2.287  -4.099  8.504   1.00 8.84  ? 272 GLN A N   1 
ATOM   617 C CA  . GLN A 1 92 ? -1.067  -4.350  7.737   1.00 10.39 ? 272 GLN A CA  1 
ATOM   618 C C   . GLN A 1 92 ? -1.305  -5.464  6.718   1.00 17.92 ? 272 GLN A C   1 
ATOM   619 O O   . GLN A 1 92 ? -2.256  -6.252  6.851   1.00 12.88 ? 272 GLN A O   1 
ATOM   620 C CB  . GLN A 1 92 ? 0.096   -4.714  8.662   1.00 17.62 ? 272 GLN A CB  1 
ATOM   621 C CG  . GLN A 1 92 ? 0.596   -6.172  8.551   1.00 30.73 ? 272 GLN A CG  1 
ATOM   622 C CD  . GLN A 1 92 ? -0.396  -7.211  9.068   1.00 57.18 ? 272 GLN A CD  1 
ATOM   623 O OE1 . GLN A 1 92 ? -1.461  -6.866  9.594   1.00 62.91 ? 272 GLN A OE1 1 
ATOM   624 N NE2 . GLN A 1 92 ? -0.050  -8.493  8.911   1.00 42.57 ? 272 GLN A NE2 1 
ATOM   625 N N   . LEU A 1 93 ? -0.453  -5.519  5.695   1.00 18.59 ? 273 LEU A N   1 
ATOM   626 C CA  . LEU A 1 93 ? -0.496  -6.595  4.712   1.00 9.86  ? 273 LEU A CA  1 
ATOM   627 C C   . LEU A 1 93 ? 0.928   -7.022  4.423   1.00 11.72 ? 273 LEU A C   1 
ATOM   628 O O   . LEU A 1 93 ? 1.755   -6.206  4.034   1.00 9.66  ? 273 LEU A O   1 
ATOM   629 C CB  . LEU A 1 93 ? -1.188  -6.133  3.419   1.00 8.40  ? 273 LEU A CB  1 
ATOM   630 C CG  . LEU A 1 93 ? -1.261  -7.162  2.269   1.00 9.30  ? 273 LEU A CG  1 
ATOM   631 C CD1 . LEU A 1 93 ? -2.296  -8.242  2.560   1.00 15.26 ? 273 LEU A CD1 1 
ATOM   632 C CD2 . LEU A 1 93 ? -1.550  -6.516  0.922   1.00 17.38 ? 273 LEU A CD2 1 
ATOM   633 N N   . GLU A 1 94 ? 1.227   -8.299  4.625   1.00 13.38 ? 274 GLU A N   1 
ATOM   634 C CA  . GLU A 1 94 ? 2.573   -8.789  4.347   1.00 13.05 ? 274 GLU A CA  1 
ATOM   635 C C   . GLU A 1 94 ? 2.721   -9.171  2.886   1.00 11.71 ? 274 GLU A C   1 
ATOM   636 O O   . GLU A 1 94 ? 1.898   -9.898  2.323   1.00 10.58 ? 274 GLU A O   1 
ATOM   637 C CB  . GLU A 1 94 ? 2.952   -9.993  5.234   1.00 20.85 ? 274 GLU A CB  1 
ATOM   638 C CG  . GLU A 1 94 ? 4.445   -10.341 5.158   1.00 18.80 ? 274 GLU A CG  1 
ATOM   639 C CD  . GLU A 1 94 ? 4.797   -11.714 5.719   1.00 36.76 ? 274 GLU A CD  1 
ATOM   640 O OE1 . GLU A 1 94 ? 3.885   -12.543 5.929   1.00 41.36 ? 274 GLU A OE1 1 
ATOM   641 O OE2 . GLU A 1 94 ? 6.005   -11.966 5.943   1.00 39.67 ? 274 GLU A OE2 1 
ATOM   642 N N   . ILE A 1 95 ? 3.781   -8.661  2.278   1.00 13.13 ? 275 ILE A N   1 
ATOM   643 C CA  . ILE A 1 95 ? 4.161   -9.045  0.934   1.00 10.69 ? 275 ILE A CA  1 
ATOM   644 C C   . ILE A 1 95 ? 5.327   -10.037 1.046   1.00 15.87 ? 275 ILE A C   1 
ATOM   645 O O   . ILE A 1 95 ? 6.297   -9.778  1.767   1.00 12.60 ? 275 ILE A O   1 
ATOM   646 C CB  . ILE A 1 95 ? 4.597   -7.802  0.121   1.00 15.64 ? 275 ILE A CB  1 
ATOM   647 C CG1 . ILE A 1 95 ? 3.476   -6.756  0.099   1.00 16.68 ? 275 ILE A CG1 1 
ATOM   648 C CG2 . ILE A 1 95 ? 5.019   -8.195  -1.295  1.00 11.43 ? 275 ILE A CG2 1 
ATOM   649 C CD1 . ILE A 1 95 ? 2.238   -7.212  -0.649  1.00 16.50 ? 275 ILE A CD1 1 
ATOM   650 N N   . ARG A 1 96 ? 5.230   -11.169 0.348   1.00 12.34 ? 276 ARG A N   1 
ATOM   651 C CA  . ARG A 1 96 ? 6.305   -12.156 0.337   1.00 13.46 ? 276 ARG A CA  1 
ATOM   652 C C   . ARG A 1 96 ? 6.688   -12.458 -1.092  1.00 9.97  ? 276 ARG A C   1 
ATOM   653 O O   . ARG A 1 96 ? 6.029   -13.267 -1.757  1.00 8.07  ? 276 ARG A O   1 
ATOM   654 C CB  . ARG A 1 96 ? 5.856   -13.451 1.009   1.00 12.04 ? 276 ARG A CB  1 
ATOM   655 C CG  . ARG A 1 96 ? 5.496   -13.274 2.454   1.00 19.85 ? 276 ARG A CG  1 
ATOM   656 C CD  . ARG A 1 96 ? 4.583   -14.399 2.934   1.00 25.23 ? 276 ARG A CD  1 
ATOM   657 N NE  . ARG A 1 96 ? 3.428   -13.808 3.600   1.00 41.42 ? 276 ARG A NE  1 
ATOM   658 C CZ  . ARG A 1 96 ? 2.201   -13.785 3.094   1.00 29.63 ? 276 ARG A CZ  1 
ATOM   659 N NH1 . ARG A 1 96 ? 1.943   -14.366 1.924   1.00 18.64 ? 276 ARG A NH1 1 
ATOM   660 N NH2 . ARG A 1 96 ? 1.224   -13.200 3.772   1.00 36.64 ? 276 ARG A NH2 1 
ATOM   661 N N   . VAL A 1 97 ? 7.736   -11.797 -1.578  1.00 9.79  ? 277 VAL A N   1 
ATOM   662 C CA  . VAL A 1 97 ? 8.187   -12.044 -2.945  1.00 10.34 ? 277 VAL A CA  1 
ATOM   663 C C   . VAL A 1 97 ? 8.722   -13.478 -3.031  1.00 14.90 ? 277 VAL A C   1 
ATOM   664 O O   . VAL A 1 97 ? 9.501   -13.907 -2.178  1.00 14.23 ? 277 VAL A O   1 
ATOM   665 C CB  . VAL A 1 97 ? 9.248   -11.027 -3.384  1.00 15.31 ? 277 VAL A CB  1 
ATOM   666 C CG1 . VAL A 1 97 ? 9.637   -11.271 -4.839  1.00 13.43 ? 277 VAL A CG1 1 
ATOM   667 C CG2 . VAL A 1 97 ? 8.700   -9.610  -3.206  1.00 12.27 ? 277 VAL A CG2 1 
ATOM   668 N N   . GLN A 1 98 ? 8.265   -14.222 -4.039  1.00 12.71 ? 278 GLN A N   1 
ATOM   669 C CA  . GLN A 1 98 ? 8.572   -15.642 -4.160  1.00 11.24 ? 278 GLN A CA  1 
ATOM   670 C C   . GLN A 1 98 ? 9.862   -15.856 -4.957  1.00 10.86 ? 278 GLN A C   1 
ATOM   671 O O   . GLN A 1 98 ? 10.014  -15.316 -6.055  1.00 12.80 ? 278 GLN A O   1 
ATOM   672 C CB  . GLN A 1 98 ? 7.393   -16.356 -4.822  1.00 10.60 ? 278 GLN A CB  1 
ATOM   673 C CG  . GLN A 1 98 ? 6.088   -16.194 -4.036  1.00 12.90 ? 278 GLN A CG  1 
ATOM   674 C CD  . GLN A 1 98 ? 6.138   -16.906 -2.704  1.00 17.73 ? 278 GLN A CD  1 
ATOM   675 O OE1 . GLN A 1 98 ? 6.308   -18.121 -2.664  1.00 21.30 ? 278 GLN A OE1 1 
ATOM   676 N NE2 . GLN A 1 98 ? 6.009   -16.158 -1.603  1.00 9.32  ? 278 GLN A NE2 1 
ATOM   677 N N   . GLY A 1 99 ? 10.781  -16.644 -4.402  1.00 19.28 ? 279 GLY A N   1 
ATOM   678 C CA  . GLY A 1 99 ? 12.088  -16.845 -5.007  1.00 12.64 ? 279 GLY A CA  1 
ATOM   679 C C   . GLY A 1 99 ? 13.003  -15.693 -4.629  1.00 26.44 ? 279 GLY A C   1 
ATOM   680 O O   . GLY A 1 99 ? 14.008  -15.443 -5.288  1.00 33.77 ? 279 GLY A O   1 
HETATM 681 O O   . HOH B 2 .  ? -1.049  10.672  -6.936  1.00 14.07 ? 301 HOH A O   1 
HETATM 682 O O   . HOH B 2 .  ? -2.438  -12.267 -1.471  1.00 14.40 ? 302 HOH A O   1 
HETATM 683 O O   . HOH B 2 .  ? -9.141  9.384   13.000  1.00 16.15 ? 303 HOH A O   1 
HETATM 684 O O   . HOH B 2 .  ? 0.761   9.418   -4.951  1.00 19.41 ? 304 HOH A O   1 
HETATM 685 O O   . HOH B 2 .  ? 2.934   -10.397 -9.728  1.00 17.83 ? 305 HOH A O   1 
HETATM 686 O O   . HOH B 2 .  ? -0.453  8.092   -3.248  1.00 16.45 ? 306 HOH A O   1 
HETATM 687 O O   . HOH B 2 .  ? -0.121  -11.485 2.996   1.00 22.84 ? 307 HOH A O   1 
HETATM 688 O O   . HOH B 2 .  ? 3.522   -13.068 -9.826  1.00 16.01 ? 308 HOH A O   1 
HETATM 689 O O   . HOH B 2 .  ? 8.160   -6.709  -14.249 1.00 18.52 ? 309 HOH A O   1 
HETATM 690 O O   . HOH B 2 .  ? -4.005  -8.720  -0.905  1.00 18.79 ? 310 HOH A O   1 
HETATM 691 O O   . HOH B 2 .  ? 3.003   4.182   -7.256  1.00 19.59 ? 311 HOH A O   1 
HETATM 692 O O   . HOH B 2 .  ? -2.621  -4.755  11.373  1.00 20.29 ? 312 HOH A O   1 
HETATM 693 O O   . HOH B 2 .  ? 2.741   12.091  3.194   1.00 22.80 ? 313 HOH A O   1 
HETATM 694 O O   . HOH B 2 .  ? 1.313   -10.291 -7.169  1.00 19.59 ? 314 HOH A O   1 
HETATM 695 O O   . HOH B 2 .  ? 0.542   5.967   -7.700  1.00 21.99 ? 315 HOH A O   1 
HETATM 696 O O   . HOH B 2 .  ? 8.970   -12.929 -12.743 1.00 25.23 ? 316 HOH A O   1 
HETATM 697 O O   . HOH B 2 .  ? -2.675  9.867   3.460   1.00 16.62 ? 317 HOH A O   1 
HETATM 698 O O   . HOH B 2 .  ? 2.206   4.772   10.337  1.00 25.49 ? 318 HOH A O   1 
HETATM 699 O O   . HOH B 2 .  ? -5.679  -4.088  4.921   1.00 23.14 ? 319 HOH A O   1 
HETATM 700 O O   . HOH B 2 .  ? 7.793   -11.026 3.873   1.00 28.38 ? 320 HOH A O   1 
HETATM 701 O O   . HOH B 2 .  ? 5.387   -17.237 0.996   1.00 22.09 ? 321 HOH A O   1 
HETATM 702 O O   . HOH B 2 .  ? 17.993  -14.859 -2.650  1.00 26.72 ? 322 HOH A O   1 
HETATM 703 O O   . HOH B 2 .  ? 2.957   10.740  -3.763  1.00 25.69 ? 323 HOH A O   1 
HETATM 704 O O   . HOH B 2 .  ? 14.949  -11.191 -8.274  1.00 35.46 ? 324 HOH A O   1 
HETATM 705 O O   . HOH B 2 .  ? 18.801  -13.787 -6.825  1.00 23.85 ? 325 HOH A O   1 
HETATM 706 O O   . HOH B 2 .  ? 5.442   6.073   -5.182  1.00 35.49 ? 326 HOH A O   1 
HETATM 707 O O   . HOH B 2 .  ? 16.708  -13.579 -8.054  1.00 29.90 ? 327 HOH A O   1 
HETATM 708 O O   . HOH B 2 .  ? -5.324  -9.437  -2.960  1.00 25.83 ? 328 HOH A O   1 
HETATM 709 O O   . HOH B 2 .  ? -7.722  10.886  -3.940  1.00 25.43 ? 329 HOH A O   1 
HETATM 710 O O   . HOH B 2 .  ? -6.316  -7.592  1.545   1.00 29.09 ? 330 HOH A O   1 
HETATM 711 O O   . HOH B 2 .  ? 10.590  0.176   5.083   1.00 28.49 ? 331 HOH A O   1 
HETATM 712 O O   . HOH B 2 .  ? 11.621  -6.278  5.113   1.00 36.85 ? 332 HOH A O   1 
HETATM 713 O O   . HOH B 2 .  ? 8.672   -1.310  -1.414  1.00 27.70 ? 333 HOH A O   1 
HETATM 714 O O   . HOH B 2 .  ? 6.481   9.607   -2.438  1.00 27.28 ? 334 HOH A O   1 
HETATM 715 O O   . HOH B 2 .  ? -1.570  -13.060 1.105   1.00 33.63 ? 335 HOH A O   1 
HETATM 716 O O   . HOH B 2 .  ? 9.119   7.881   6.846   1.00 31.10 ? 336 HOH A O   1 
HETATM 717 O O   . HOH B 2 .  ? 15.386  -9.938  -5.913  1.00 28.33 ? 337 HOH A O   1 
HETATM 718 O O   . HOH B 2 .  ? -8.301  16.922  1.407   1.00 28.64 ? 338 HOH A O   1 
HETATM 719 O O   . HOH B 2 .  ? 16.830  -15.507 -5.561  1.00 29.20 ? 339 HOH A O   1 
HETATM 720 O O   . HOH B 2 .  ? 11.371  -8.969  -15.059 1.00 30.06 ? 340 HOH A O   1 
HETATM 721 O O   . HOH B 2 .  ? 1.693   8.025   -7.282  1.00 26.18 ? 341 HOH A O   1 
HETATM 722 O O   . HOH B 2 .  ? 7.773   0.790   -6.204  1.00 23.60 ? 342 HOH A O   1 
HETATM 723 O O   . HOH B 2 .  ? 12.248  -11.801 -0.119  1.00 32.25 ? 343 HOH A O   1 
HETATM 724 O O   . HOH B 2 .  ? 0.564   3.126   12.174  1.00 32.02 ? 344 HOH A O   1 
HETATM 725 O O   . HOH B 2 .  ? 6.387   -14.244 6.679   1.00 32.54 ? 345 HOH A O   1 
HETATM 726 O O   . HOH B 2 .  ? 9.574   -12.990 2.470   1.00 27.15 ? 346 HOH A O   1 
HETATM 727 O O   . HOH B 2 .  ? -11.084 9.729   10.403  1.00 31.70 ? 347 HOH A O   1 
HETATM 728 O O   . HOH B 2 .  ? 5.239   4.863   10.461  1.00 30.57 ? 348 HOH A O   1 
HETATM 729 O O   . HOH B 2 .  ? 1.415   -8.575  11.918  1.00 38.33 ? 349 HOH A O   1 
HETATM 730 O O   . HOH B 2 .  ? 9.175   -6.980  7.462   1.00 32.01 ? 350 HOH A O   1 
HETATM 731 O O   . HOH B 2 .  ? 9.707   10.457  6.466   1.00 40.63 ? 351 HOH A O   1 
HETATM 732 O O   . HOH B 2 .  ? 1.482   -17.731 -4.456  1.00 24.75 ? 352 HOH A O   1 
HETATM 733 O O   . HOH B 2 .  ? 2.988   -16.510 -6.639  1.00 26.16 ? 353 HOH A O   1 
HETATM 734 O O   . HOH B 2 .  ? 12.279  11.226  7.241   1.00 31.55 ? 354 HOH A O   1 
HETATM 735 O O   . HOH B 2 .  ? -5.029  -4.680  12.505  1.00 31.58 ? 355 HOH A O   1 
HETATM 736 O O   . HOH B 2 .  ? -9.528  5.980   -4.751  1.00 33.71 ? 356 HOH A O   1 
HETATM 737 O O   . HOH B 2 .  ? 19.090  -15.630 -5.314  1.00 35.86 ? 357 HOH A O   1 
HETATM 738 O O   . HOH B 2 .  ? 9.577   -14.225 0.519   1.00 24.13 ? 358 HOH A O   1 
# 
